data_9BAJ
#
_entry.id   9BAJ
#
_cell.length_a   35.925
_cell.length_b   83.827
_cell.length_c   104.788
_cell.angle_alpha   90.000
_cell.angle_beta   90.000
_cell.angle_gamma   90.000
#
_symmetry.space_group_name_H-M   'P 1 21 1'
#
loop_
_entity.id
_entity.type
_entity.pdbx_description
1 polymer 'Isoform 2B of GTPase KRas'
2 polymer 'Isoform 2B of GTPase KRas'
3 polymer 'Isoform 2B of GTPase KRas'
4 non-polymer 'MAGNESIUM ION'
5 non-polymer 3-(dioxo-lambda~6~-sulfanyl)-N-phenylbenzene-1-sulfonamide
6 non-polymer "GUANOSINE-5'-DIPHOSPHATE"
7 water water
#
loop_
_entity_poly.entity_id
_entity_poly.type
_entity_poly.pdbx_seq_one_letter_code
_entity_poly.pdbx_strand_id
1 'polypeptide(L)'
;MTEYKLVVVGAGGVGKSALTIQLIQNHFVDEYDPTIEDSYRKQVVIDGETCLLDILDTAGQEEYSAMRDQYMRTGEGFLC
VFAINNTKSFEDIHHYREQIKRVKDSEDVPMVLVGNKSDLPSRTVDTKQAQDLARSYGIPFIETSAKTRQGVDDAFYTLV
REIRKHKEK
;
A,D
2 'polypeptide(L)'
;MTEYKLVVVGAGGVGKSALTIQLIQNHFVDEYDPTIEDSYRKQVVIDGETCLLDILDTAGQEEYSAMRDQYMRTGEGFLC
VFAINNTKSFEDIHHYREQIKRVKDSEDVP(SME)VLVGNKSDLPSRTVDTKQAQDLARSYGIPFIETSAKTRQGVDDAF
YTLVREIRKHKEK
;
B
3 'polypeptide(L)'
;MTEYKLVVVGAGGVGKSALTIQLIQNHFVDEYDPTIEDSYRKQVVIDGET(CSO)LLDILDTAGQEEYSAMRDQYMRTGE
GFLCVFAINNTKSFEDIHHYREQIKRVKDSEDVPMVLVGNKSDLPSRTVDTKQAQDLARSYGIPFIETSAKTRQGVDDAF
YTLVREIRKHKEK
;
C
#
loop_
_chem_comp.id
_chem_comp.type
_chem_comp.name
_chem_comp.formula
A1AK8 non-polymer 3-(dioxo-lambda~6~-sulfanyl)-N-phenylbenzene-1-sulfonamide 'C12 H11 N O4 S2'
GDP RNA linking GUANOSINE-5'-DIPHOSPHATE 'C10 H15 N5 O11 P2'
MG non-polymer 'MAGNESIUM ION' 'Mg 2'
#
# COMPACT_ATOMS: atom_id res chain seq x y z
N MET A 1 -4.17 -20.58 19.62
CA MET A 1 -4.72 -19.28 20.11
C MET A 1 -3.62 -18.21 20.11
N THR A 2 -4.04 -16.95 20.17
CA THR A 2 -3.08 -15.85 20.12
C THR A 2 -2.10 -15.93 21.29
N GLU A 3 -0.81 -15.82 20.97
CA GLU A 3 0.26 -15.90 21.96
C GLU A 3 0.99 -14.58 22.03
N TYR A 4 1.43 -14.23 23.23
CA TYR A 4 2.11 -12.96 23.48
C TYR A 4 3.39 -13.23 24.23
N LYS A 5 4.49 -12.62 23.76
CA LYS A 5 5.82 -12.79 24.34
C LYS A 5 6.14 -11.55 25.15
N LEU A 6 6.16 -11.70 26.46
CA LEU A 6 6.40 -10.57 27.37
C LEU A 6 7.71 -10.77 28.09
N VAL A 7 8.40 -9.66 28.38
CA VAL A 7 9.67 -9.69 29.10
C VAL A 7 9.62 -8.68 30.24
N VAL A 8 10.03 -9.13 31.42
CA VAL A 8 10.02 -8.34 32.65
C VAL A 8 11.47 -8.00 32.96
N VAL A 9 11.78 -6.69 32.95
CA VAL A 9 13.13 -6.19 33.17
C VAL A 9 13.10 -5.18 34.33
N GLY A 10 14.27 -4.97 34.89
CA GLY A 10 14.44 -4.04 36.00
C GLY A 10 15.51 -4.53 36.96
N ALA A 11 15.92 -3.62 37.82
CA ALA A 11 17.02 -3.94 38.72
C ALA A 11 16.70 -5.15 39.57
N GLY A 12 17.74 -5.88 39.94
CA GLY A 12 17.56 -6.95 40.87
C GLY A 12 16.88 -6.45 42.13
N GLY A 13 15.93 -7.20 42.66
CA GLY A 13 15.27 -6.91 43.91
C GLY A 13 13.95 -6.18 43.79
N VAL A 14 13.59 -5.73 42.59
CA VAL A 14 12.40 -4.91 42.47
C VAL A 14 11.10 -5.70 42.54
N GLY A 15 11.15 -7.02 42.35
CA GLY A 15 9.99 -7.85 42.38
C GLY A 15 9.58 -8.46 41.06
N LYS A 16 10.50 -8.60 40.10
CA LYS A 16 10.15 -9.18 38.82
C LYS A 16 9.68 -10.60 38.99
N SER A 17 10.44 -11.41 39.72
CA SER A 17 10.03 -12.79 39.93
C SER A 17 8.73 -12.87 40.73
N ALA A 18 8.61 -12.05 41.77
CA ALA A 18 7.39 -12.08 42.56
C ALA A 18 6.18 -11.69 41.72
N LEU A 19 6.34 -10.70 40.86
CA LEU A 19 5.24 -10.28 40.00
C LEU A 19 4.85 -11.38 39.03
N THR A 20 5.84 -12.01 38.40
CA THR A 20 5.58 -13.03 37.40
C THR A 20 4.96 -14.25 38.05
N ILE A 21 5.51 -14.68 39.19
CA ILE A 21 4.95 -15.84 39.87
C ILE A 21 3.56 -15.53 40.37
N GLN A 22 3.32 -14.31 40.82
CA GLN A 22 1.98 -13.93 41.25
C GLN A 22 1.00 -14.05 40.09
N LEU A 23 1.35 -13.49 38.92
CA LEU A 23 0.48 -13.58 37.76
C LEU A 23 0.25 -15.03 37.35
N ILE A 24 1.34 -15.80 37.21
CA ILE A 24 1.22 -17.13 36.64
C ILE A 24 0.55 -18.07 37.63
N GLN A 25 0.92 -17.98 38.89
CA GLN A 25 0.57 -18.99 39.86
C GLN A 25 -0.28 -18.52 41.03
N ASN A 26 -0.56 -17.21 41.12
CA ASN A 26 -1.43 -16.66 42.14
C ASN A 26 -0.86 -16.85 43.56
N HIS A 27 0.46 -16.96 43.65
CA HIS A 27 1.17 -17.06 44.92
C HIS A 27 2.20 -15.95 45.01
N PHE A 28 2.34 -15.37 46.21
CA PHE A 28 3.41 -14.42 46.48
C PHE A 28 4.61 -15.21 47.04
N VAL A 29 5.75 -15.08 46.36
CA VAL A 29 6.97 -15.77 46.77
C VAL A 29 7.92 -14.72 47.31
N ASP A 30 8.37 -14.92 48.54
CA ASP A 30 9.32 -13.99 49.16
C ASP A 30 10.76 -14.47 49.08
N GLU A 31 11.00 -15.67 48.55
CA GLU A 31 12.34 -16.26 48.51
C GLU A 31 12.52 -16.94 47.15
N TYR A 32 12.84 -16.16 46.14
CA TYR A 32 13.12 -16.69 44.81
C TYR A 32 14.52 -16.27 44.39
N ASP A 33 15.39 -17.26 44.17
CA ASP A 33 16.77 -17.07 43.78
C ASP A 33 16.86 -15.94 42.76
N PRO A 34 17.56 -14.85 43.08
CA PRO A 34 17.63 -13.74 42.14
C PRO A 34 18.46 -14.03 40.91
N THR A 35 19.21 -15.12 40.88
CA THR A 35 20.03 -15.47 39.73
C THR A 35 19.29 -16.36 38.73
N ILE A 36 18.04 -16.71 39.00
CA ILE A 36 17.28 -17.59 38.10
C ILE A 36 16.54 -16.77 37.06
N GLU A 37 16.92 -16.97 35.79
CA GLU A 37 16.15 -16.49 34.65
C GLU A 37 15.28 -17.63 34.16
N ASP A 38 14.00 -17.34 33.88
CA ASP A 38 13.11 -18.39 33.45
C ASP A 38 11.94 -17.82 32.67
N SER A 39 11.36 -18.68 31.82
CA SER A 39 10.19 -18.36 31.02
C SER A 39 8.98 -19.02 31.65
N TYR A 40 7.90 -18.27 31.77
CA TYR A 40 6.67 -18.73 32.38
C TYR A 40 5.52 -18.66 31.38
N ARG A 41 4.49 -19.46 31.63
CA ARG A 41 3.39 -19.61 30.70
C ARG A 41 2.07 -19.69 31.44
N LYS A 42 1.02 -19.11 30.84
CA LYS A 42 -0.31 -19.20 31.41
C LYS A 42 -1.32 -18.83 30.34
N GLN A 43 -2.39 -19.62 30.26
CA GLN A 43 -3.55 -19.24 29.47
C GLN A 43 -4.41 -18.31 30.32
N VAL A 44 -4.81 -17.18 29.72
CA VAL A 44 -5.65 -16.20 30.38
C VAL A 44 -6.70 -15.73 29.39
N VAL A 45 -7.70 -15.05 29.90
CA VAL A 45 -8.76 -14.44 29.11
C VAL A 45 -8.63 -12.93 29.29
N ILE A 46 -8.41 -12.23 28.19
CA ILE A 46 -8.25 -10.78 28.19
C ILE A 46 -9.28 -10.22 27.22
N ASP A 47 -10.22 -9.43 27.75
CA ASP A 47 -11.29 -8.86 26.96
C ASP A 47 -12.05 -9.94 26.20
N GLY A 48 -12.36 -11.04 26.90
CA GLY A 48 -13.15 -12.09 26.34
C GLY A 48 -12.42 -13.07 25.45
N GLU A 49 -11.15 -12.83 25.15
CA GLU A 49 -10.39 -13.68 24.26
C GLU A 49 -9.36 -14.47 25.05
N THR A 50 -9.37 -15.79 24.87
CA THR A 50 -8.33 -16.62 25.46
C THR A 50 -7.02 -16.34 24.76
N CYS A 51 -5.95 -16.24 25.53
CA CYS A 51 -4.64 -16.10 24.92
C CYS A 51 -3.59 -16.72 25.81
N LEU A 52 -2.47 -17.03 25.19
CA LEU A 52 -1.33 -17.64 25.87
C LEU A 52 -0.26 -16.58 26.12
N LEU A 53 0.10 -16.41 27.39
CA LEU A 53 1.17 -15.49 27.77
C LEU A 53 2.45 -16.29 27.99
N ASP A 54 3.52 -15.86 27.33
CA ASP A 54 4.86 -16.38 27.57
C ASP A 54 5.69 -15.24 28.15
N ILE A 55 6.21 -15.45 29.36
CA ILE A 55 6.79 -14.35 30.13
C ILE A 55 8.19 -14.71 30.57
N LEU A 56 9.15 -13.86 30.23
CA LEU A 56 10.54 -14.05 30.62
C LEU A 56 10.82 -13.19 31.85
N ASP A 57 11.19 -13.83 32.93
CA ASP A 57 11.56 -13.17 34.18
C ASP A 57 13.08 -13.20 34.25
N THR A 58 13.69 -12.02 34.33
CA THR A 58 15.10 -11.89 34.02
C THR A 58 16.00 -11.84 35.25
N ALA A 59 17.21 -12.40 35.09
CA ALA A 59 18.26 -12.38 36.11
C ALA A 59 19.41 -11.50 35.64
N GLY A 60 20.03 -10.79 36.59
CA GLY A 60 21.02 -9.77 36.24
C GLY A 60 22.19 -10.31 35.45
N GLN A 61 22.66 -11.50 35.79
CA GLN A 61 23.89 -11.98 35.15
C GLN A 61 23.70 -12.35 33.68
N GLU A 62 22.46 -12.41 33.18
CA GLU A 62 22.17 -12.76 31.80
C GLU A 62 21.97 -11.54 30.93
N GLU A 63 22.09 -10.33 31.50
CA GLU A 63 21.71 -9.12 30.80
C GLU A 63 22.25 -9.08 29.37
N TYR A 64 23.55 -9.35 29.20
CA TYR A 64 24.21 -9.19 27.91
C TYR A 64 24.50 -10.53 27.24
N SER A 65 23.78 -11.58 27.65
CA SER A 65 23.98 -12.91 27.09
C SER A 65 23.35 -13.00 25.71
N ALA A 66 23.88 -13.90 24.90
CA ALA A 66 23.30 -14.13 23.58
C ALA A 66 21.87 -14.64 23.70
N MET A 67 21.62 -15.54 24.65
CA MET A 67 20.26 -16.07 24.77
C MET A 67 19.30 -14.97 25.21
N ARG A 68 19.71 -14.12 26.14
CA ARG A 68 18.86 -12.99 26.50
C ARG A 68 18.56 -12.15 25.28
N ASP A 69 19.55 -11.88 24.46
CA ASP A 69 19.33 -11.10 23.25
C ASP A 69 18.30 -11.75 22.33
N GLN A 70 18.33 -13.07 22.23
CA GLN A 70 17.34 -13.77 21.40
C GLN A 70 15.94 -13.54 21.95
N TYR A 71 15.78 -13.66 23.26
CA TYR A 71 14.46 -13.45 23.85
C TYR A 71 14.04 -11.99 23.71
N MET A 72 14.99 -11.05 23.84
CA MET A 72 14.64 -9.64 23.71
C MET A 72 14.21 -9.30 22.29
N ARG A 73 14.90 -9.84 21.28
CA ARG A 73 14.55 -9.54 19.89
C ARG A 73 13.18 -10.08 19.56
N THR A 74 12.86 -11.28 20.05
CA THR A 74 11.55 -11.89 19.79
C THR A 74 10.49 -11.42 20.79
N GLY A 75 10.89 -10.85 21.90
CA GLY A 75 9.91 -10.29 22.81
C GLY A 75 9.05 -9.23 22.15
N GLU A 76 7.75 -9.22 22.52
CA GLU A 76 6.82 -8.26 21.94
C GLU A 76 6.46 -7.11 22.86
N GLY A 77 6.57 -7.30 24.17
CA GLY A 77 6.25 -6.23 25.10
C GLY A 77 7.12 -6.38 26.32
N PHE A 78 7.35 -5.26 27.00
CA PHE A 78 8.27 -5.21 28.11
C PHE A 78 7.67 -4.50 29.31
N LEU A 79 7.78 -5.12 30.47
CA LEU A 79 7.51 -4.44 31.73
C LEU A 79 8.83 -3.95 32.25
N CYS A 80 8.94 -2.64 32.46
CA CYS A 80 10.09 -2.04 33.11
C CYS A 80 9.72 -1.76 34.55
N VAL A 81 10.31 -2.51 35.47
CA VAL A 81 9.89 -2.53 36.87
C VAL A 81 10.92 -1.83 37.74
N PHE A 82 10.43 -0.99 38.65
CA PHE A 82 11.19 -0.49 39.78
C PHE A 82 10.35 -0.68 41.02
N ALA A 83 10.97 -0.52 42.18
CA ALA A 83 10.27 -0.59 43.45
C ALA A 83 10.09 0.81 44.02
N ILE A 84 8.89 1.10 44.50
CA ILE A 84 8.55 2.46 44.95
C ILE A 84 9.30 2.85 46.20
N ASN A 85 9.98 1.90 46.84
CA ASN A 85 10.77 2.14 48.05
C ASN A 85 12.27 2.09 47.75
N ASN A 86 12.64 2.09 46.47
CA ASN A 86 14.06 2.03 46.10
C ASN A 86 14.34 3.00 44.96
N THR A 87 14.91 4.15 45.32
CA THR A 87 15.17 5.18 44.32
C THR A 87 16.13 4.70 43.26
N LYS A 88 17.17 3.95 43.67
CA LYS A 88 18.14 3.46 42.69
C LYS A 88 17.46 2.65 41.59
N SER A 89 16.51 1.79 41.96
CA SER A 89 15.80 1.02 40.94
C SER A 89 15.04 1.92 39.98
N PHE A 90 14.48 3.02 40.48
CA PHE A 90 13.81 3.97 39.60
C PHE A 90 14.82 4.67 38.72
N GLU A 91 15.94 5.09 39.30
CA GLU A 91 16.99 5.72 38.50
C GLU A 91 17.44 4.83 37.36
N ASP A 92 17.40 3.50 37.56
CA ASP A 92 17.92 2.57 36.57
C ASP A 92 16.99 2.38 35.37
N ILE A 93 15.76 2.86 35.47
CA ILE A 93 14.75 2.54 34.46
C ILE A 93 15.22 2.90 33.07
N HIS A 94 15.89 4.05 32.92
CA HIS A 94 16.31 4.49 31.60
C HIS A 94 17.24 3.51 30.96
N HIS A 95 18.07 2.84 31.77
CA HIS A 95 19.01 1.86 31.25
C HIS A 95 18.28 0.69 30.61
N TYR A 96 17.24 0.19 31.27
CA TYR A 96 16.49 -0.93 30.73
C TYR A 96 15.71 -0.51 29.50
N ARG A 97 15.12 0.67 29.53
CA ARG A 97 14.36 1.16 28.38
C ARG A 97 15.28 1.38 27.19
N GLU A 98 16.46 1.94 27.43
CA GLU A 98 17.41 2.12 26.34
C GLU A 98 17.80 0.78 25.71
N GLN A 99 17.99 -0.26 26.54
CA GLN A 99 18.40 -1.55 25.98
C GLN A 99 17.29 -2.13 25.09
N ILE A 100 16.03 -1.90 25.47
CA ILE A 100 14.91 -2.41 24.68
C ILE A 100 14.87 -1.74 23.31
N LYS A 101 14.90 -0.41 23.30
CA LYS A 101 14.93 0.31 22.04
C LYS A 101 16.07 -0.17 21.14
N ARG A 102 17.25 -0.37 21.72
CA ARG A 102 18.39 -0.84 20.95
C ARG A 102 18.10 -2.21 20.35
N VAL A 103 17.72 -3.18 21.18
CA VAL A 103 17.57 -4.55 20.69
C VAL A 103 16.45 -4.64 19.66
N LYS A 104 15.40 -3.83 19.82
CA LYS A 104 14.28 -3.85 18.87
C LYS A 104 14.46 -2.86 17.74
N ASP A 105 15.47 -1.99 17.80
CA ASP A 105 15.72 -0.99 16.77
C ASP A 105 14.42 -0.27 16.41
N SER A 106 13.71 0.19 17.42
CA SER A 106 12.42 0.82 17.19
C SER A 106 12.08 1.73 18.35
N GLU A 107 11.38 2.83 18.04
CA GLU A 107 10.77 3.65 19.07
C GLU A 107 9.39 3.17 19.45
N ASP A 108 8.78 2.33 18.61
CA ASP A 108 7.38 1.93 18.76
C ASP A 108 7.32 0.51 19.33
N VAL A 109 7.64 0.41 20.61
CA VAL A 109 7.79 -0.86 21.32
C VAL A 109 6.81 -0.91 22.48
N PRO A 110 5.88 -1.86 22.53
CA PRO A 110 4.97 -1.92 23.67
C PRO A 110 5.73 -2.06 24.98
N MET A 111 5.40 -1.20 25.93
CA MET A 111 6.07 -1.19 27.22
C MET A 111 5.13 -0.60 28.24
N VAL A 112 5.36 -0.97 29.51
CA VAL A 112 4.66 -0.39 30.66
C VAL A 112 5.70 -0.15 31.75
N LEU A 113 5.61 0.99 32.40
CA LEU A 113 6.44 1.27 33.55
C LEU A 113 5.66 0.79 34.76
N VAL A 114 6.33 -0.02 35.59
CA VAL A 114 5.68 -0.65 36.73
C VAL A 114 6.34 -0.20 38.03
N GLY A 115 5.56 0.40 38.92
CA GLY A 115 6.08 0.73 40.23
C GLY A 115 5.59 -0.27 41.24
N ASN A 116 6.46 -1.18 41.63
CA ASN A 116 6.09 -2.32 42.45
C ASN A 116 6.38 -2.07 43.93
N LYS A 117 5.89 -2.97 44.77
CA LYS A 117 5.97 -2.87 46.23
C LYS A 117 5.11 -1.73 46.77
N SER A 118 3.95 -1.51 46.15
CA SER A 118 3.09 -0.39 46.51
C SER A 118 2.47 -0.56 47.87
N ASP A 119 2.49 -1.76 48.42
CA ASP A 119 1.98 -2.01 49.76
C ASP A 119 2.93 -1.56 50.86
N LEU A 120 4.16 -1.20 50.51
CA LEU A 120 5.14 -0.80 51.52
C LEU A 120 5.03 0.69 51.80
N PRO A 121 4.96 1.09 53.08
CA PRO A 121 4.79 2.51 53.38
C PRO A 121 6.06 3.36 53.21
N SER A 122 7.26 2.79 53.27
CA SER A 122 8.48 3.61 53.21
C SER A 122 8.81 3.95 51.75
N ARG A 123 7.92 4.75 51.17
CA ARG A 123 8.07 5.19 49.78
C ARG A 123 9.22 6.18 49.64
N THR A 124 9.90 6.10 48.52
CA THR A 124 10.91 7.06 48.15
C THR A 124 10.77 7.58 46.73
N VAL A 125 9.85 7.05 45.93
CA VAL A 125 9.59 7.52 44.57
C VAL A 125 8.12 7.92 44.50
N ASP A 126 7.86 9.15 44.10
CA ASP A 126 6.50 9.64 44.00
C ASP A 126 5.83 9.14 42.74
N THR A 127 4.53 8.86 42.84
CA THR A 127 3.75 8.51 41.66
C THR A 127 3.84 9.60 40.59
N LYS A 128 3.84 10.86 40.99
CA LYS A 128 3.98 11.93 40.01
C LYS A 128 5.29 11.83 39.25
N GLN A 129 6.38 11.49 39.97
CA GLN A 129 7.68 11.29 39.32
C GLN A 129 7.59 10.18 38.27
N ALA A 130 6.91 9.07 38.62
CA ALA A 130 6.87 7.94 37.71
C ALA A 130 5.95 8.20 36.53
N GLN A 131 4.86 8.92 36.76
CA GLN A 131 3.97 9.29 35.66
C GLN A 131 4.65 10.25 34.70
N ASP A 132 5.47 11.18 35.23
CA ASP A 132 6.22 12.07 34.35
C ASP A 132 7.22 11.29 33.52
N LEU A 133 7.91 10.32 34.13
CA LEU A 133 8.82 9.48 33.38
C LEU A 133 8.07 8.68 32.33
N ALA A 134 6.97 8.04 32.74
CA ALA A 134 6.15 7.30 31.79
C ALA A 134 5.70 8.19 30.64
N ARG A 135 5.21 9.38 30.95
CA ARG A 135 4.81 10.31 29.89
C ARG A 135 5.96 10.57 28.93
N SER A 136 7.17 10.79 29.45
CA SER A 136 8.28 11.13 28.58
C SER A 136 8.63 9.98 27.66
N TYR A 137 8.32 8.75 28.06
CA TYR A 137 8.57 7.56 27.27
C TYR A 137 7.37 7.18 26.41
N GLY A 138 6.23 7.85 26.58
CA GLY A 138 5.05 7.50 25.83
C GLY A 138 4.38 6.21 26.23
N ILE A 139 4.48 5.82 27.49
CA ILE A 139 3.99 4.53 27.95
C ILE A 139 3.15 4.72 29.20
N PRO A 140 2.31 3.76 29.51
CA PRO A 140 1.53 3.82 30.76
C PRO A 140 2.38 3.49 31.99
N PHE A 141 1.91 3.99 33.12
CA PHE A 141 2.48 3.71 34.42
C PHE A 141 1.44 3.00 35.25
N ILE A 142 1.80 1.84 35.77
CA ILE A 142 0.92 1.02 36.58
C ILE A 142 1.59 0.72 37.91
N GLU A 143 0.87 0.98 38.99
CA GLU A 143 1.31 0.67 40.34
C GLU A 143 0.93 -0.76 40.66
N THR A 144 1.87 -1.52 41.22
CA THR A 144 1.63 -2.91 41.54
C THR A 144 2.11 -3.28 42.94
N SER A 145 1.51 -4.34 43.45
CA SER A 145 2.06 -5.06 44.59
C SER A 145 1.97 -6.54 44.30
N ALA A 146 3.12 -7.20 44.16
CA ALA A 146 3.11 -8.65 44.03
C ALA A 146 2.59 -9.33 45.29
N LYS A 147 2.62 -8.66 46.43
CA LYS A 147 2.17 -9.25 47.69
C LYS A 147 0.66 -9.25 47.79
N THR A 148 0.02 -8.12 47.49
CA THR A 148 -1.43 -8.01 47.62
C THR A 148 -2.17 -8.25 46.31
N ARG A 149 -1.45 -8.41 45.20
CA ARG A 149 -1.97 -8.56 43.84
C ARG A 149 -2.44 -7.25 43.25
N GLN A 150 -2.34 -6.13 43.97
CA GLN A 150 -2.74 -4.84 43.42
C GLN A 150 -2.07 -4.60 42.09
N GLY A 151 -2.89 -4.34 41.07
CA GLY A 151 -2.37 -3.95 39.77
C GLY A 151 -1.59 -4.98 39.01
N VAL A 152 -1.43 -6.19 39.53
CA VAL A 152 -0.61 -7.18 38.83
C VAL A 152 -1.24 -7.53 37.50
N ASP A 153 -2.50 -7.94 37.51
CA ASP A 153 -3.19 -8.24 36.26
C ASP A 153 -3.20 -7.03 35.34
N ASP A 154 -3.53 -5.87 35.89
CA ASP A 154 -3.56 -4.64 35.08
C ASP A 154 -2.23 -4.44 34.35
N ALA A 155 -1.10 -4.63 35.05
CA ALA A 155 0.19 -4.36 34.43
C ALA A 155 0.41 -5.27 33.21
N PHE A 156 0.21 -6.57 33.38
CA PHE A 156 0.47 -7.50 32.29
C PHE A 156 -0.61 -7.40 31.20
N TYR A 157 -1.87 -7.25 31.58
CA TYR A 157 -2.90 -7.17 30.55
C TYR A 157 -2.82 -5.85 29.79
N THR A 158 -2.43 -4.76 30.46
CA THR A 158 -2.22 -3.50 29.76
C THR A 158 -1.12 -3.66 28.72
N LEU A 159 -0.06 -4.39 29.07
CA LEU A 159 0.99 -4.64 28.09
C LEU A 159 0.47 -5.48 26.93
N VAL A 160 -0.30 -6.53 27.23
CA VAL A 160 -0.88 -7.36 26.18
C VAL A 160 -1.76 -6.54 25.25
N ARG A 161 -2.56 -5.64 25.81
CA ARG A 161 -3.43 -4.81 24.98
C ARG A 161 -2.61 -3.90 24.08
N GLU A 162 -1.51 -3.36 24.60
CA GLU A 162 -0.59 -2.57 23.79
C GLU A 162 -0.07 -3.38 22.61
N ILE A 163 0.41 -4.60 22.88
CA ILE A 163 0.87 -5.49 21.81
C ILE A 163 -0.26 -5.77 20.84
N ARG A 164 -1.44 -6.11 21.37
CA ARG A 164 -2.58 -6.44 20.53
C ARG A 164 -2.88 -5.31 19.55
N LYS A 165 -2.83 -4.06 20.02
CA LYS A 165 -3.09 -2.93 19.15
C LYS A 165 -1.90 -2.69 18.21
N HIS A 166 -0.68 -2.85 18.73
CA HIS A 166 0.51 -2.71 17.89
C HIS A 166 0.46 -3.67 16.72
N LYS A 167 -0.07 -4.87 16.92
CA LYS A 167 -0.23 -5.82 15.84
C LYS A 167 -1.41 -5.42 14.96
N MET B 1 2.95 27.49 27.82
CA MET B 1 2.87 26.00 27.90
C MET B 1 3.92 25.37 26.99
N THR B 2 4.06 24.05 27.08
CA THR B 2 4.90 23.30 26.16
C THR B 2 4.27 23.32 24.76
N GLU B 3 5.13 23.34 23.76
CA GLU B 3 4.71 23.48 22.39
C GLU B 3 5.40 22.40 21.56
N TYR B 4 4.72 21.97 20.50
CA TYR B 4 5.24 20.94 19.60
C TYR B 4 5.12 21.43 18.17
N LYS B 5 6.15 21.15 17.38
CA LYS B 5 6.26 21.58 15.99
C LYS B 5 6.15 20.37 15.08
N LEU B 6 5.03 20.26 14.38
CA LEU B 6 4.74 19.11 13.55
C LEU B 6 4.69 19.51 12.09
N VAL B 7 5.22 18.66 11.22
CA VAL B 7 5.19 18.87 9.79
C VAL B 7 4.49 17.68 9.15
N VAL B 8 3.49 17.96 8.33
CA VAL B 8 2.75 16.91 7.63
C VAL B 8 3.26 16.87 6.20
N VAL B 9 3.86 15.74 5.84
CA VAL B 9 4.42 15.56 4.51
C VAL B 9 3.77 14.36 3.85
N GLY B 10 3.90 14.29 2.55
CA GLY B 10 3.32 13.22 1.75
C GLY B 10 2.90 13.72 0.39
N ALA B 11 2.68 12.78 -0.52
CA ALA B 11 2.32 13.14 -1.89
C ALA B 11 1.07 14.02 -1.92
N GLY B 12 1.01 14.88 -2.92
CA GLY B 12 -0.20 15.66 -3.13
C GLY B 12 -1.40 14.75 -3.28
N GLY B 13 -2.50 15.13 -2.63
CA GLY B 13 -3.74 14.40 -2.69
C GLY B 13 -3.97 13.32 -1.66
N VAL B 14 -3.03 13.10 -0.74
CA VAL B 14 -3.21 12.03 0.21
C VAL B 14 -4.15 12.40 1.34
N GLY B 15 -4.41 13.68 1.54
CA GLY B 15 -5.25 14.16 2.60
C GLY B 15 -4.58 14.93 3.71
N LYS B 16 -3.38 15.46 3.49
CA LYS B 16 -2.69 16.26 4.52
C LYS B 16 -3.57 17.42 5.00
N SER B 17 -4.12 18.19 4.07
CA SER B 17 -4.95 19.33 4.46
C SER B 17 -6.20 18.87 5.21
N ALA B 18 -6.88 17.84 4.68
CA ALA B 18 -8.10 17.32 5.29
C ALA B 18 -7.82 16.79 6.69
N LEU B 19 -6.68 16.14 6.89
CA LEU B 19 -6.32 15.65 8.22
C LEU B 19 -6.09 16.81 9.18
N THR B 20 -5.31 17.80 8.73
CA THR B 20 -4.99 18.93 9.60
C THR B 20 -6.25 19.69 9.96
N ILE B 21 -7.09 19.96 8.97
CA ILE B 21 -8.28 20.76 9.21
C ILE B 21 -9.27 19.99 10.08
N GLN B 22 -9.33 18.67 9.92
CA GLN B 22 -10.17 17.86 10.79
C GLN B 22 -9.71 17.95 12.23
N LEU B 23 -8.40 17.72 12.46
CA LEU B 23 -7.89 17.82 13.82
C LEU B 23 -8.24 19.17 14.43
N ILE B 24 -8.08 20.25 13.66
CA ILE B 24 -8.17 21.61 14.19
C ILE B 24 -9.61 22.07 14.26
N GLN B 25 -10.35 21.94 13.17
CA GLN B 25 -11.71 22.49 13.08
C GLN B 25 -12.79 21.44 13.27
N ASN B 26 -12.42 20.17 13.33
CA ASN B 26 -13.36 19.06 13.55
C ASN B 26 -14.37 18.92 12.41
N HIS B 27 -13.94 19.21 11.19
CA HIS B 27 -14.80 19.01 10.03
C HIS B 27 -13.98 18.63 8.82
N PHE B 28 -14.60 17.92 7.89
CA PHE B 28 -13.93 17.42 6.70
C PHE B 28 -14.11 18.41 5.55
N VAL B 29 -13.00 18.90 5.00
CA VAL B 29 -13.02 19.75 3.81
C VAL B 29 -12.64 18.90 2.61
N ASP B 30 -13.56 18.79 1.66
CA ASP B 30 -13.34 17.93 0.50
C ASP B 30 -12.72 18.67 -0.68
N GLU B 31 -12.53 19.98 -0.58
CA GLU B 31 -11.80 20.75 -1.58
C GLU B 31 -11.03 21.83 -0.84
N TYR B 32 -9.73 21.63 -0.68
CA TYR B 32 -8.83 22.64 -0.16
C TYR B 32 -7.70 22.76 -1.16
N ASP B 33 -7.48 23.98 -1.64
CA ASP B 33 -6.46 24.27 -2.63
C ASP B 33 -5.18 23.48 -2.35
N PRO B 34 -4.83 22.54 -3.23
CA PRO B 34 -3.64 21.72 -2.96
C PRO B 34 -2.35 22.50 -3.05
N THR B 35 -2.37 23.75 -3.53
CA THR B 35 -1.14 24.53 -3.64
C THR B 35 -0.90 25.42 -2.42
N ILE B 36 -1.77 25.38 -1.41
CA ILE B 36 -1.62 26.23 -0.24
C ILE B 36 -0.81 25.46 0.80
N GLU B 37 0.36 25.97 1.15
CA GLU B 37 1.16 25.51 2.28
C GLU B 37 0.90 26.48 3.43
N ASP B 38 0.56 25.96 4.60
CA ASP B 38 0.17 26.86 5.69
C ASP B 38 0.33 26.17 7.03
N SER B 39 0.44 27.00 8.06
CA SER B 39 0.59 26.58 9.45
C SER B 39 -0.75 26.66 10.17
N TYR B 40 -0.95 25.74 11.11
CA TYR B 40 -2.14 25.66 11.93
C TYR B 40 -1.73 25.51 13.39
N ARG B 41 -2.62 25.88 14.30
CA ARG B 41 -2.32 25.87 15.72
C ARG B 41 -3.52 25.34 16.50
N LYS B 42 -3.24 24.60 17.57
CA LYS B 42 -4.29 24.07 18.43
C LYS B 42 -3.72 23.72 19.79
N GLN B 43 -4.36 24.22 20.84
CA GLN B 43 -4.06 23.79 22.19
C GLN B 43 -4.81 22.49 22.47
N VAL B 44 -4.15 21.59 23.17
CA VAL B 44 -4.70 20.25 23.40
C VAL B 44 -4.08 19.69 24.67
N VAL B 45 -4.83 18.82 25.33
CA VAL B 45 -4.32 18.04 26.46
C VAL B 45 -4.01 16.64 25.93
N ILE B 46 -2.74 16.26 26.00
CA ILE B 46 -2.29 14.93 25.61
C ILE B 46 -1.70 14.27 26.82
N ASP B 47 -2.27 13.15 27.23
CA ASP B 47 -1.81 12.44 28.42
C ASP B 47 -1.73 13.39 29.62
N GLY B 48 -2.73 14.28 29.73
CA GLY B 48 -2.84 15.19 30.85
C GLY B 48 -2.06 16.48 30.70
N GLU B 49 -1.00 16.47 29.92
CA GLU B 49 -0.19 17.66 29.71
C GLU B 49 -0.91 18.60 28.73
N THR B 50 -1.12 19.84 29.15
CA THR B 50 -1.67 20.86 28.26
C THR B 50 -0.55 21.44 27.41
N CYS B 51 -0.65 21.27 26.10
CA CYS B 51 0.40 21.69 25.19
C CYS B 51 -0.21 22.34 23.97
N LEU B 52 0.65 22.91 23.13
CA LEU B 52 0.22 23.63 21.95
C LEU B 52 0.87 23.00 20.72
N LEU B 53 0.06 22.69 19.72
CA LEU B 53 0.55 22.09 18.50
C LEU B 53 0.61 23.15 17.41
N ASP B 54 1.76 23.29 16.79
CA ASP B 54 1.96 24.12 15.60
C ASP B 54 2.23 23.15 14.46
N ILE B 55 1.43 23.22 13.39
CA ILE B 55 1.38 22.15 12.39
C ILE B 55 1.52 22.77 11.01
N LEU B 56 2.52 22.30 10.25
CA LEU B 56 2.73 22.75 8.89
C LEU B 56 2.07 21.74 7.95
N ASP B 57 1.08 22.22 7.20
CA ASP B 57 0.46 21.46 6.12
C ASP B 57 1.15 21.86 4.82
N THR B 58 1.73 20.88 4.12
CA THR B 58 2.65 21.18 3.04
C THR B 58 2.01 21.08 1.66
N ALA B 59 2.53 21.90 0.74
CA ALA B 59 2.12 21.91 -0.66
C ALA B 59 3.33 21.53 -1.51
N GLY B 60 3.08 20.77 -2.59
CA GLY B 60 4.19 20.14 -3.30
C GLY B 60 5.18 21.10 -3.93
N GLN B 61 4.71 22.25 -4.38
CA GLN B 61 5.58 23.18 -5.08
C GLN B 61 6.60 23.81 -4.16
N GLU B 62 6.45 23.69 -2.84
CA GLU B 62 7.37 24.27 -1.89
C GLU B 62 8.47 23.31 -1.44
N GLU B 63 8.53 22.11 -2.03
CA GLU B 63 9.34 21.04 -1.45
C GLU B 63 10.81 21.43 -1.31
N TYR B 64 11.36 22.12 -2.30
CA TYR B 64 12.77 22.45 -2.30
C TYR B 64 13.03 23.90 -1.90
N SER B 65 12.03 24.57 -1.37
CA SER B 65 12.14 25.97 -1.00
C SER B 65 12.97 26.15 0.27
N ALA B 66 13.59 27.32 0.38
CA ALA B 66 14.33 27.65 1.59
C ALA B 66 13.38 27.77 2.78
N MET B 67 12.18 28.27 2.54
CA MET B 67 11.18 28.37 3.59
C MET B 67 10.85 26.99 4.14
N ARG B 68 10.54 26.05 3.25
CA ARG B 68 10.26 24.70 3.69
C ARG B 68 11.42 24.16 4.51
N ASP B 69 12.64 24.42 4.04
CA ASP B 69 13.82 23.87 4.71
C ASP B 69 13.91 24.36 6.15
N GLN B 70 13.63 25.65 6.38
CA GLN B 70 13.66 26.15 7.75
C GLN B 70 12.59 25.49 8.62
N TYR B 71 11.39 25.29 8.07
CA TYR B 71 10.36 24.59 8.85
C TYR B 71 10.75 23.13 9.07
N MET B 72 11.43 22.50 8.10
CA MET B 72 11.87 21.14 8.31
C MET B 72 12.91 21.08 9.42
N ARG B 73 13.83 22.04 9.44
CA ARG B 73 14.91 22.04 10.43
C ARG B 73 14.39 22.35 11.82
N THR B 74 13.44 23.28 11.94
CA THR B 74 12.88 23.61 13.25
C THR B 74 11.79 22.62 13.66
N GLY B 75 11.19 21.92 12.71
CA GLY B 75 10.15 20.97 13.04
C GLY B 75 10.68 19.85 13.92
N GLU B 76 9.84 19.39 14.84
CA GLU B 76 10.31 18.36 15.77
C GLU B 76 9.83 16.98 15.40
N GLY B 77 8.70 16.88 14.71
CA GLY B 77 8.17 15.59 14.31
C GLY B 77 7.46 15.69 12.99
N PHE B 78 7.35 14.56 12.33
CA PHE B 78 6.85 14.50 10.97
C PHE B 78 5.80 13.43 10.82
N LEU B 79 4.64 13.82 10.31
CA LEU B 79 3.58 12.89 9.93
C LEU B 79 3.82 12.59 8.46
N CYS B 80 4.16 11.37 8.15
CA CYS B 80 4.35 10.92 6.77
C CYS B 80 3.09 10.22 6.30
N VAL B 81 2.35 10.86 5.40
CA VAL B 81 1.01 10.45 5.04
C VAL B 81 1.00 9.90 3.62
N PHE B 82 0.42 8.72 3.47
CA PHE B 82 0.03 8.19 2.17
C PHE B 82 -1.46 7.87 2.24
N ALA B 83 -2.05 7.57 1.10
CA ALA B 83 -3.44 7.17 1.02
C ALA B 83 -3.54 5.68 0.71
N ILE B 84 -4.47 4.99 1.38
CA ILE B 84 -4.56 3.55 1.30
C ILE B 84 -5.13 3.05 -0.04
N ASN B 85 -5.60 3.97 -0.88
CA ASN B 85 -6.02 3.65 -2.23
C ASN B 85 -5.07 4.22 -3.27
N ASN B 86 -3.85 4.56 -2.88
CA ASN B 86 -2.89 5.15 -3.82
C ASN B 86 -1.51 4.54 -3.56
N THR B 87 -1.17 3.51 -4.35
CA THR B 87 0.10 2.81 -4.18
C THR B 87 1.28 3.76 -4.29
N LYS B 88 1.27 4.66 -5.28
CA LYS B 88 2.42 5.53 -5.47
C LYS B 88 2.68 6.40 -4.24
N SER B 89 1.61 6.90 -3.63
CA SER B 89 1.79 7.70 -2.41
C SER B 89 2.46 6.90 -1.31
N PHE B 90 2.12 5.62 -1.19
CA PHE B 90 2.79 4.76 -0.21
C PHE B 90 4.24 4.56 -0.57
N GLU B 91 4.53 4.31 -1.85
CA GLU B 91 5.89 4.09 -2.31
C GLU B 91 6.69 5.38 -2.34
N ASP B 92 6.04 6.54 -2.22
CA ASP B 92 6.75 7.80 -2.12
C ASP B 92 7.23 8.08 -0.69
N ILE B 93 6.70 7.37 0.29
CA ILE B 93 7.03 7.61 1.69
C ILE B 93 8.55 7.63 1.88
N HIS B 94 9.25 6.70 1.25
CA HIS B 94 10.69 6.59 1.46
C HIS B 94 11.39 7.87 1.02
N HIS B 95 10.92 8.48 -0.08
N HIS B 95 10.90 8.50 -0.06
CA HIS B 95 11.50 9.75 -0.49
CA HIS B 95 11.50 9.76 -0.51
C HIS B 95 11.39 10.78 0.63
C HIS B 95 11.36 10.83 0.55
N TYR B 96 10.19 10.92 1.19
CA TYR B 96 9.98 11.88 2.27
C TYR B 96 10.82 11.53 3.49
N ARG B 97 10.80 10.26 3.90
CA ARG B 97 11.68 9.80 4.97
C ARG B 97 13.12 10.22 4.70
N GLU B 98 13.66 9.82 3.55
CA GLU B 98 15.06 10.12 3.23
C GLU B 98 15.33 11.61 3.28
N GLN B 99 14.40 12.42 2.78
CA GLN B 99 14.58 13.87 2.80
C GLN B 99 14.64 14.38 4.23
N ILE B 100 13.72 13.92 5.08
CA ILE B 100 13.69 14.38 6.48
C ILE B 100 15.01 14.03 7.16
N LYS B 101 15.45 12.79 7.01
CA LYS B 101 16.72 12.41 7.63
C LYS B 101 17.85 13.31 7.16
N ARG B 102 17.81 13.71 5.89
CA ARG B 102 18.89 14.54 5.35
C ARG B 102 18.85 15.95 5.93
N VAL B 103 17.66 16.55 6.00
CA VAL B 103 17.57 17.91 6.52
C VAL B 103 17.84 17.96 8.02
N LYS B 104 17.32 16.99 8.77
CA LYS B 104 17.55 16.95 10.20
C LYS B 104 18.92 16.39 10.56
N ASP B 105 19.64 15.84 9.59
CA ASP B 105 20.97 15.28 9.83
C ASP B 105 20.95 14.28 10.97
N SER B 106 20.00 13.34 10.91
CA SER B 106 19.83 12.39 11.99
C SER B 106 19.16 11.14 11.46
N GLU B 107 19.57 9.99 12.01
CA GLU B 107 18.91 8.72 11.72
C GLU B 107 17.69 8.48 12.59
N ASP B 108 17.52 9.26 13.65
CA ASP B 108 16.46 9.06 14.65
C ASP B 108 15.66 10.37 14.71
N VAL B 109 14.59 10.44 13.92
CA VAL B 109 13.76 11.64 13.84
C VAL B 109 12.34 11.23 14.20
N PRO B 110 11.67 11.95 15.13
CA PRO B 110 10.30 11.54 15.45
C PRO B 110 9.40 11.57 14.24
N SME B 111 8.80 10.43 13.91
CA SME B 111 7.92 10.32 12.79
CB SME B 111 8.50 9.87 11.43
CG SME B 111 9.75 10.63 11.06
S SME B 111 10.24 10.17 9.41
OE SME B 111 9.73 8.82 9.20
CE SME B 111 11.96 10.28 9.58
C SME B 111 6.82 9.31 13.13
O SME B 111 6.94 8.39 13.96
N VAL B 112 5.74 9.48 12.39
CA VAL B 112 4.63 8.52 12.41
C VAL B 112 4.21 8.30 10.97
N LEU B 113 3.97 7.05 10.58
CA LEU B 113 3.47 6.71 9.25
C LEU B 113 1.95 6.71 9.30
N VAL B 114 1.31 7.49 8.44
CA VAL B 114 -0.14 7.60 8.44
C VAL B 114 -0.69 7.10 7.11
N GLY B 115 -1.61 6.13 7.20
CA GLY B 115 -2.33 5.69 6.02
C GLY B 115 -3.72 6.25 6.07
N ASN B 116 -3.99 7.23 5.22
CA ASN B 116 -5.24 7.96 5.22
C ASN B 116 -6.19 7.41 4.17
N LYS B 117 -7.45 7.85 4.26
CA LYS B 117 -8.55 7.46 3.39
C LYS B 117 -9.05 6.06 3.72
N SER B 118 -8.98 5.69 5.01
CA SER B 118 -9.37 4.36 5.44
C SER B 118 -10.83 4.04 5.15
N ASP B 119 -11.64 5.08 4.89
CA ASP B 119 -13.06 4.87 4.63
C ASP B 119 -13.35 4.45 3.20
N LEU B 120 -12.39 4.55 2.30
CA LEU B 120 -12.65 4.29 0.90
C LEU B 120 -12.59 2.78 0.62
N PRO B 121 -13.50 2.26 -0.20
CA PRO B 121 -13.57 0.80 -0.39
C PRO B 121 -12.48 0.18 -1.24
N SER B 122 -12.01 0.89 -2.26
CA SER B 122 -11.09 0.32 -3.24
C SER B 122 -9.64 0.45 -2.73
N ARG B 123 -9.37 -0.27 -1.64
CA ARG B 123 -8.03 -0.27 -1.07
C ARG B 123 -7.04 -0.92 -2.02
N THR B 124 -5.85 -0.33 -2.08
CA THR B 124 -4.73 -0.90 -2.81
C THR B 124 -3.48 -1.09 -1.96
N VAL B 125 -3.44 -0.53 -0.75
CA VAL B 125 -2.31 -0.73 0.17
C VAL B 125 -2.83 -1.39 1.43
N ASP B 126 -2.23 -2.53 1.79
CA ASP B 126 -2.67 -3.28 2.95
C ASP B 126 -2.00 -2.77 4.21
N THR B 127 -2.74 -2.81 5.32
CA THR B 127 -2.18 -2.39 6.61
C THR B 127 -0.94 -3.20 6.94
N LYS B 128 -0.93 -4.49 6.59
CA LYS B 128 0.24 -5.32 6.83
C LYS B 128 1.47 -4.72 6.15
N GLN B 129 1.30 -4.24 4.92
CA GLN B 129 2.44 -3.69 4.19
C GLN B 129 2.93 -2.42 4.88
N ALA B 130 2.00 -1.58 5.34
CA ALA B 130 2.41 -0.33 5.99
C ALA B 130 3.03 -0.62 7.34
N GLN B 131 2.53 -1.63 8.04
CA GLN B 131 3.11 -2.00 9.33
C GLN B 131 4.54 -2.50 9.15
N ASP B 132 4.77 -3.30 8.10
CA ASP B 132 6.12 -3.76 7.82
C ASP B 132 7.05 -2.58 7.53
N LEU B 133 6.58 -1.61 6.73
CA LEU B 133 7.42 -0.45 6.44
C LEU B 133 7.68 0.34 7.71
N ALA B 134 6.62 0.58 8.50
CA ALA B 134 6.78 1.32 9.74
C ALA B 134 7.76 0.62 10.65
N ARG B 135 7.66 -0.72 10.74
CA ARG B 135 8.59 -1.48 11.56
C ARG B 135 10.02 -1.30 11.07
N SER B 136 10.22 -1.34 9.76
CA SER B 136 11.56 -1.15 9.21
C SER B 136 12.11 0.21 9.63
N TYR B 137 11.23 1.20 9.76
CA TYR B 137 11.61 2.54 10.17
C TYR B 137 11.67 2.70 11.68
N GLY B 138 11.07 1.77 12.42
CA GLY B 138 11.00 1.90 13.87
C GLY B 138 10.05 2.97 14.34
N ILE B 139 9.01 3.25 13.58
CA ILE B 139 8.05 4.31 13.92
C ILE B 139 6.67 3.68 13.99
N PRO B 140 5.71 4.39 14.61
CA PRO B 140 4.35 3.90 14.63
C PRO B 140 3.67 4.04 13.28
N PHE B 141 2.69 3.17 13.04
CA PHE B 141 1.80 3.29 11.89
C PHE B 141 0.37 3.45 12.39
N ILE B 142 -0.32 4.46 11.89
CA ILE B 142 -1.70 4.77 12.27
C ILE B 142 -2.50 4.95 10.99
N GLU B 143 -3.65 4.31 10.93
CA GLU B 143 -4.57 4.43 9.82
C GLU B 143 -5.63 5.46 10.19
N THR B 144 -5.94 6.34 9.24
CA THR B 144 -6.84 7.44 9.52
C THR B 144 -7.85 7.60 8.39
N SER B 145 -8.93 8.33 8.71
CA SER B 145 -9.85 8.84 7.70
C SER B 145 -10.14 10.28 8.07
N ALA B 146 -9.66 11.22 7.26
CA ALA B 146 -10.01 12.62 7.46
C ALA B 146 -11.50 12.85 7.26
N LYS B 147 -12.15 12.00 6.45
CA LYS B 147 -13.59 12.14 6.25
C LYS B 147 -14.36 11.85 7.54
N THR B 148 -14.03 10.77 8.22
CA THR B 148 -14.80 10.31 9.37
C THR B 148 -14.17 10.67 10.70
N ARG B 149 -12.92 11.14 10.71
CA ARG B 149 -12.12 11.50 11.87
C ARG B 149 -11.53 10.26 12.55
N GLN B 150 -11.85 9.07 12.08
CA GLN B 150 -11.25 7.87 12.63
C GLN B 150 -9.73 7.97 12.63
N GLY B 151 -9.15 7.87 13.81
CA GLY B 151 -7.71 7.84 13.97
C GLY B 151 -6.99 9.17 13.89
N VAL B 152 -7.70 10.27 13.66
CA VAL B 152 -7.01 11.53 13.37
C VAL B 152 -6.30 12.04 14.61
N ASP B 153 -6.98 12.07 15.75
CA ASP B 153 -6.29 12.50 16.97
C ASP B 153 -5.17 11.54 17.34
N ASP B 154 -5.40 10.24 17.15
CA ASP B 154 -4.36 9.25 17.47
C ASP B 154 -3.09 9.52 16.67
N ALA B 155 -3.23 9.80 15.38
CA ALA B 155 -2.06 10.06 14.54
C ALA B 155 -1.25 11.24 15.06
N PHE B 156 -1.89 12.38 15.26
CA PHE B 156 -1.16 13.56 15.73
C PHE B 156 -0.67 13.37 17.16
N TYR B 157 -1.51 12.82 18.04
CA TYR B 157 -1.13 12.64 19.45
C TYR B 157 0.01 11.63 19.55
N THR B 158 -0.02 10.56 18.77
CA THR B 158 1.10 9.63 18.76
C THR B 158 2.37 10.34 18.32
N LEU B 159 2.26 11.24 17.36
CA LEU B 159 3.44 11.97 16.95
C LEU B 159 4.00 12.82 18.09
N VAL B 160 3.14 13.50 18.81
CA VAL B 160 3.58 14.23 20.00
C VAL B 160 4.33 13.29 20.94
N ARG B 161 3.81 12.09 21.16
CA ARG B 161 4.50 11.17 22.07
C ARG B 161 5.86 10.79 21.51
N GLU B 162 5.96 10.63 20.19
CA GLU B 162 7.26 10.33 19.60
C GLU B 162 8.25 11.47 19.84
N ILE B 163 7.75 12.71 19.84
CA ILE B 163 8.63 13.84 20.11
C ILE B 163 9.05 13.84 21.56
N ARG B 164 8.12 13.51 22.48
CA ARG B 164 8.47 13.46 23.89
C ARG B 164 9.56 12.42 24.15
N LYS B 165 9.49 11.29 23.46
CA LYS B 165 10.44 10.22 23.72
C LYS B 165 11.78 10.41 23.02
N HIS B 166 11.95 11.48 22.26
CA HIS B 166 13.23 11.75 21.61
C HIS B 166 14.04 12.75 22.44
N MET C 1 -9.99 18.12 -8.38
CA MET C 1 -10.30 16.67 -8.17
C MET C 1 -9.88 15.85 -9.38
N THR C 2 -9.76 14.54 -9.19
CA THR C 2 -9.28 13.67 -10.26
C THR C 2 -10.21 13.76 -11.47
N GLU C 3 -9.62 14.00 -12.65
CA GLU C 3 -10.35 14.14 -13.90
C GLU C 3 -9.99 13.00 -14.85
N TYR C 4 -10.98 12.58 -15.62
CA TYR C 4 -10.82 11.47 -16.54
C TYR C 4 -11.35 11.85 -17.92
N LYS C 5 -10.55 11.57 -18.95
CA LYS C 5 -10.87 11.92 -20.33
C LYS C 5 -11.32 10.65 -21.03
N LEU C 6 -12.60 10.58 -21.35
CA LEU C 6 -13.17 9.39 -21.98
C LEU C 6 -13.64 9.72 -23.38
N VAL C 7 -13.53 8.75 -24.30
CA VAL C 7 -13.96 8.92 -25.68
C VAL C 7 -14.86 7.75 -26.08
N VAL C 8 -16.01 8.07 -26.66
CA VAL C 8 -17.02 7.11 -27.07
C VAL C 8 -16.97 7.01 -28.59
N VAL C 9 -16.59 5.85 -29.10
CA VAL C 9 -16.46 5.62 -30.53
C VAL C 9 -17.34 4.44 -30.93
N GLY C 10 -17.62 4.38 -32.21
CA GLY C 10 -18.47 3.37 -32.78
C GLY C 10 -19.25 3.90 -33.96
N ALA C 11 -19.79 2.97 -34.73
CA ALA C 11 -20.49 3.35 -35.95
C ALA C 11 -21.64 4.29 -35.66
N GLY C 12 -21.92 5.16 -36.62
CA GLY C 12 -23.08 6.00 -36.48
C GLY C 12 -24.34 5.19 -36.19
N GLY C 13 -25.18 5.65 -35.28
CA GLY C 13 -26.45 5.02 -34.98
C GLY C 13 -26.47 4.06 -33.83
N VAL C 14 -25.30 3.73 -33.28
CA VAL C 14 -25.26 2.69 -32.26
C VAL C 14 -25.73 3.18 -30.90
N GLY C 15 -25.80 4.49 -30.67
CA GLY C 15 -26.22 5.04 -29.41
C GLY C 15 -25.17 5.73 -28.62
N LYS C 16 -24.11 6.23 -29.26
CA LYS C 16 -23.06 6.93 -28.52
C LYS C 16 -23.61 8.18 -27.88
N SER C 17 -24.36 8.97 -28.65
CA SER C 17 -24.92 10.18 -28.09
C SER C 17 -25.95 9.85 -27.03
N ALA C 18 -26.80 8.85 -27.28
CA ALA C 18 -27.83 8.51 -26.29
C ALA C 18 -27.19 8.03 -25.00
N LEU C 19 -26.14 7.23 -25.11
CA LEU C 19 -25.43 6.75 -23.94
C LEU C 19 -24.81 7.91 -23.16
N THR C 20 -24.16 8.83 -23.86
CA THR C 20 -23.46 9.91 -23.20
C THR C 20 -24.45 10.86 -22.55
N ILE C 21 -25.52 11.21 -23.27
CA ILE C 21 -26.52 12.09 -22.69
C ILE C 21 -27.21 11.42 -21.51
N GLN C 22 -27.46 10.13 -21.60
CA GLN C 22 -28.06 9.41 -20.48
C GLN C 22 -27.18 9.50 -19.24
N LEU C 23 -25.89 9.21 -19.40
CA LEU C 23 -24.95 9.33 -18.28
C LEU C 23 -24.90 10.75 -17.73
N ILE C 24 -24.74 11.73 -18.63
CA ILE C 24 -24.52 13.10 -18.18
C ILE C 24 -25.80 13.70 -17.60
N GLN C 25 -26.93 13.44 -18.24
CA GLN C 25 -28.14 14.17 -17.97
C GLN C 25 -29.30 13.33 -17.47
N ASN C 26 -29.16 12.01 -17.46
CA ASN C 26 -30.20 11.13 -16.97
C ASN C 26 -31.46 11.19 -17.83
N HIS C 27 -31.30 11.56 -19.11
CA HIS C 27 -32.39 11.60 -20.08
C HIS C 27 -32.05 10.75 -21.28
N PHE C 28 -33.04 10.00 -21.78
CA PHE C 28 -32.89 9.27 -23.04
C PHE C 28 -33.33 10.20 -24.17
N VAL C 29 -32.43 10.44 -25.13
CA VAL C 29 -32.70 11.30 -26.27
C VAL C 29 -32.80 10.42 -27.50
N ASP C 30 -33.94 10.45 -28.16
CA ASP C 30 -34.16 9.65 -29.36
C ASP C 30 -33.93 10.43 -30.64
N GLU C 31 -33.63 11.74 -30.55
CA GLU C 31 -33.44 12.59 -31.72
C GLU C 31 -32.25 13.51 -31.43
N TYR C 32 -31.04 12.99 -31.66
CA TYR C 32 -29.83 13.79 -31.53
C TYR C 32 -29.07 13.75 -32.85
N ASP C 33 -28.86 14.93 -33.44
CA ASP C 33 -28.14 15.09 -34.69
C ASP C 33 -26.92 14.19 -34.73
N PRO C 34 -26.86 13.26 -35.67
CA PRO C 34 -25.70 12.35 -35.72
C PRO C 34 -24.43 13.01 -36.17
N THR C 35 -24.48 14.23 -36.72
CA THR C 35 -23.29 14.91 -37.16
C THR C 35 -22.66 15.77 -36.06
N ILE C 36 -23.22 15.79 -34.85
CA ILE C 36 -22.71 16.63 -33.79
C ILE C 36 -21.69 15.85 -32.96
N GLU C 37 -20.46 16.33 -32.97
CA GLU C 37 -19.42 15.91 -32.04
C GLU C 37 -19.37 16.90 -30.88
N ASP C 38 -19.31 16.41 -29.66
CA ASP C 38 -19.29 17.31 -28.53
C ASP C 38 -18.67 16.64 -27.32
N SER C 39 -18.15 17.48 -26.42
CA SER C 39 -17.54 17.06 -25.17
C SER C 39 -18.49 17.35 -24.03
N TYR C 40 -18.71 16.38 -23.18
CA TYR C 40 -19.65 16.45 -22.07
C TYR C 40 -18.90 16.33 -20.75
N ARG C 41 -19.50 16.88 -19.69
CA ARG C 41 -18.85 16.93 -18.39
C ARG C 41 -19.85 16.62 -17.28
N LYS C 42 -19.37 15.91 -16.27
CA LYS C 42 -20.22 15.62 -15.11
C LYS C 42 -19.33 15.21 -13.95
N GLN C 43 -19.63 15.76 -12.78
CA GLN C 43 -19.01 15.30 -11.55
C GLN C 43 -19.80 14.08 -11.06
N VAL C 44 -19.08 13.00 -10.74
CA VAL C 44 -19.70 11.80 -10.22
C VAL C 44 -18.85 11.29 -9.04
N VAL C 45 -19.40 10.32 -8.34
CA VAL C 45 -18.72 9.64 -7.24
C VAL C 45 -18.56 8.18 -7.67
N ILE C 46 -17.32 7.71 -7.71
CA ILE C 46 -16.99 6.36 -8.12
C ILE C 46 -16.15 5.76 -7.01
N ASP C 47 -16.67 4.73 -6.35
CA ASP C 47 -15.99 4.09 -5.23
C ASP C 47 -15.62 5.11 -4.16
N GLY C 48 -16.59 5.97 -3.81
CA GLY C 48 -16.42 6.93 -2.75
C GLY C 48 -15.66 8.19 -3.10
N GLU C 49 -15.04 8.25 -4.27
CA GLU C 49 -14.22 9.38 -4.66
C GLU C 49 -14.94 10.24 -5.70
N THR C 50 -15.04 11.53 -5.42
CA THR C 50 -15.58 12.47 -6.41
C THR C 50 -14.58 12.57 -7.54
N CSO C 51 -15.08 12.58 -8.76
CA CSO C 51 -14.21 12.91 -9.87
CB CSO C 51 -13.46 11.68 -10.37
SG CSO C 51 -14.65 10.44 -10.85
C CSO C 51 -14.98 13.53 -11.00
O CSO C 51 -16.21 13.50 -11.03
OD CSO C 51 -14.15 9.02 -9.91
N LEU C 52 -14.25 14.10 -11.92
CA LEU C 52 -14.81 14.82 -13.06
C LEU C 52 -14.61 13.97 -14.31
N LEU C 53 -15.71 13.70 -15.00
CA LEU C 53 -15.67 12.98 -16.26
C LEU C 53 -15.80 13.97 -17.40
N ASP C 54 -14.86 13.92 -18.33
CA ASP C 54 -14.94 14.66 -19.58
C ASP C 54 -15.07 13.63 -20.70
N ILE C 55 -16.13 13.73 -21.47
CA ILE C 55 -16.51 12.66 -22.40
C ILE C 55 -16.72 13.25 -23.78
N LEU C 56 -16.01 12.70 -24.75
CA LEU C 56 -16.15 13.09 -26.15
C LEU C 56 -17.10 12.11 -26.84
N ASP C 57 -18.18 12.63 -27.37
CA ASP C 57 -19.19 11.87 -28.12
C ASP C 57 -18.96 12.18 -29.58
N THR C 58 -18.63 11.16 -30.37
CA THR C 58 -18.04 11.35 -31.68
C THR C 58 -19.05 11.30 -32.83
N ALA C 59 -18.74 12.08 -33.87
CA ALA C 59 -19.51 12.11 -35.10
C ALA C 59 -18.64 11.61 -36.25
N GLY C 60 -19.26 10.90 -37.19
CA GLY C 60 -18.50 10.19 -38.20
C GLY C 60 -17.63 11.07 -39.07
N GLN C 61 -18.12 12.27 -39.40
CA GLN C 61 -17.38 13.11 -40.32
C GLN C 61 -16.11 13.67 -39.72
N GLU C 62 -15.91 13.56 -38.41
CA GLU C 62 -14.72 14.06 -37.74
C GLU C 62 -13.66 12.98 -37.54
N GLU C 63 -13.91 11.77 -38.01
CA GLU C 63 -13.04 10.65 -37.66
C GLU C 63 -11.56 10.96 -37.85
N TYR C 64 -11.20 11.50 -39.01
CA TYR C 64 -9.80 11.71 -39.37
C TYR C 64 -9.40 13.18 -39.27
N SER C 65 -10.14 13.95 -38.50
CA SER C 65 -9.86 15.37 -38.33
C SER C 65 -8.68 15.56 -37.38
N ALA C 66 -8.00 16.68 -37.54
CA ALA C 66 -6.90 16.99 -36.64
C ALA C 66 -7.40 17.17 -35.22
N MET C 67 -8.53 17.85 -35.03
CA MET C 67 -9.04 18.04 -33.68
C MET C 67 -9.41 16.71 -33.04
N ARG C 68 -10.05 15.81 -33.80
CA ARG C 68 -10.33 14.49 -33.26
C ARG C 68 -9.04 13.80 -32.82
N ASP C 69 -8.00 13.88 -33.63
CA ASP C 69 -6.73 13.28 -33.27
C ASP C 69 -6.20 13.83 -31.95
N GLN C 70 -6.38 15.13 -31.71
CA GLN C 70 -5.93 15.74 -30.48
C GLN C 70 -6.68 15.16 -29.29
N TYR C 71 -8.00 15.04 -29.41
CA TYR C 71 -8.79 14.46 -28.34
C TYR C 71 -8.42 12.99 -28.14
N MET C 72 -8.19 12.26 -29.24
CA MET C 72 -7.84 10.84 -29.12
C MET C 72 -6.50 10.66 -28.42
N ARG C 73 -5.50 11.48 -28.80
CA ARG C 73 -4.18 11.35 -28.18
C ARG C 73 -4.26 11.65 -26.68
N THR C 74 -5.04 12.65 -26.30
CA THR C 74 -5.17 13.00 -24.89
C THR C 74 -6.22 12.17 -24.17
N GLY C 75 -7.10 11.50 -24.91
CA GLY C 75 -8.06 10.61 -24.27
C GLY C 75 -7.37 9.50 -23.51
N GLU C 76 -7.95 9.15 -22.35
CA GLU C 76 -7.38 8.14 -21.47
C GLU C 76 -8.11 6.81 -21.52
N GLY C 77 -9.36 6.81 -21.93
CA GLY C 77 -10.13 5.58 -22.02
C GLY C 77 -11.15 5.67 -23.12
N PHE C 78 -11.52 4.53 -23.67
CA PHE C 78 -12.38 4.50 -24.84
C PHE C 78 -13.49 3.47 -24.67
N LEU C 79 -14.71 3.89 -24.96
CA LEU C 79 -15.84 2.97 -25.09
C LEU C 79 -15.98 2.68 -26.57
N CYS C 80 -15.87 1.42 -26.94
CA CYS C 80 -16.12 0.98 -28.30
C CYS C 80 -17.53 0.41 -28.33
N VAL C 81 -18.45 1.09 -29.01
CA VAL C 81 -19.86 0.78 -28.94
C VAL C 81 -20.34 0.17 -30.25
N PHE C 82 -21.14 -0.87 -30.14
CA PHE C 82 -21.98 -1.38 -31.22
C PHE C 82 -23.39 -1.56 -30.66
N ALA C 83 -24.33 -1.80 -31.56
CA ALA C 83 -25.71 -2.10 -31.18
C ALA C 83 -25.97 -3.59 -31.37
N ILE C 84 -26.62 -4.19 -30.37
CA ILE C 84 -26.83 -5.65 -30.38
C ILE C 84 -27.78 -6.06 -31.49
N ASN C 85 -28.47 -5.10 -32.12
CA ASN C 85 -29.41 -5.40 -33.19
C ASN C 85 -28.85 -4.98 -34.55
N ASN C 86 -27.56 -4.70 -34.62
CA ASN C 86 -26.92 -4.25 -35.86
C ASN C 86 -25.59 -4.94 -36.02
N THR C 87 -25.56 -6.00 -36.83
CA THR C 87 -24.34 -6.77 -37.01
C THR C 87 -23.23 -5.93 -37.62
N LYS C 88 -23.56 -5.04 -38.55
CA LYS C 88 -22.54 -4.21 -39.17
C LYS C 88 -21.78 -3.39 -38.13
N SER C 89 -22.49 -2.82 -37.16
CA SER C 89 -21.82 -2.06 -36.12
C SER C 89 -20.88 -2.93 -35.32
N PHE C 90 -21.23 -4.20 -35.08
CA PHE C 90 -20.33 -5.12 -34.40
C PHE C 90 -19.13 -5.45 -35.27
N GLU C 91 -19.38 -5.71 -36.54
CA GLU C 91 -18.28 -5.96 -37.47
C GLU C 91 -17.30 -4.81 -37.51
N ASP C 92 -17.80 -3.58 -37.28
CA ASP C 92 -16.96 -2.39 -37.38
C ASP C 92 -16.05 -2.22 -36.18
N ILE C 93 -16.26 -2.97 -35.11
CA ILE C 93 -15.57 -2.68 -33.85
C ILE C 93 -14.06 -2.70 -34.05
N HIS C 94 -13.55 -3.66 -34.83
CA HIS C 94 -12.12 -3.77 -34.98
C HIS C 94 -11.51 -2.50 -35.54
N HIS C 95 -12.26 -1.82 -36.41
CA HIS C 95 -11.78 -0.59 -37.03
C HIS C 95 -11.53 0.47 -35.98
N TYR C 96 -12.47 0.64 -35.06
CA TYR C 96 -12.33 1.66 -34.04
C TYR C 96 -11.22 1.30 -33.08
N ARG C 97 -11.14 0.02 -32.70
CA ARG C 97 -10.07 -0.42 -31.81
C ARG C 97 -8.70 -0.21 -32.45
N GLU C 98 -8.58 -0.54 -33.74
CA GLU C 98 -7.30 -0.34 -34.42
C GLU C 98 -6.89 1.13 -34.41
N GLN C 99 -7.84 2.03 -34.62
CA GLN C 99 -7.50 3.46 -34.65
C GLN C 99 -7.02 3.93 -33.28
N ILE C 100 -7.61 3.39 -32.21
CA ILE C 100 -7.20 3.75 -30.86
C ILE C 100 -5.76 3.33 -30.61
N LYS C 101 -5.44 2.06 -30.87
CA LYS C 101 -4.09 1.57 -30.68
C LYS C 101 -3.10 2.39 -31.48
N ARG C 102 -3.45 2.78 -32.70
CA ARG C 102 -2.56 3.59 -33.51
C ARG C 102 -2.31 4.95 -32.86
N VAL C 103 -3.39 5.66 -32.53
CA VAL C 103 -3.24 7.03 -32.03
C VAL C 103 -2.53 7.04 -30.69
N LYS C 104 -2.81 6.04 -29.83
CA LYS C 104 -2.13 5.96 -28.54
C LYS C 104 -0.79 5.23 -28.64
N ASP C 105 -0.49 4.62 -29.79
CA ASP C 105 0.76 3.88 -29.97
C ASP C 105 1.04 2.98 -28.76
N SER C 106 0.04 2.17 -28.44
CA SER C 106 0.14 1.35 -27.24
C SER C 106 -0.87 0.21 -27.32
N GLU C 107 -0.48 -0.92 -26.75
CA GLU C 107 -1.42 -2.02 -26.54
C GLU C 107 -2.10 -1.95 -25.18
N ASP C 108 -1.65 -1.09 -24.29
CA ASP C 108 -2.14 -1.01 -22.92
C ASP C 108 -3.02 0.23 -22.77
N VAL C 109 -4.17 0.20 -23.42
CA VAL C 109 -5.06 1.35 -23.50
C VAL C 109 -6.38 0.99 -22.82
N PRO C 110 -6.80 1.71 -21.77
CA PRO C 110 -8.10 1.38 -21.16
C PRO C 110 -9.22 1.45 -22.17
N MET C 111 -10.03 0.39 -22.20
CA MET C 111 -11.14 0.31 -23.15
C MET C 111 -12.20 -0.64 -22.60
N VAL C 112 -13.43 -0.44 -23.10
CA VAL C 112 -14.54 -1.32 -22.80
C VAL C 112 -15.36 -1.50 -24.07
N LEU C 113 -15.74 -2.73 -24.35
CA LEU C 113 -16.63 -3.03 -25.45
C LEU C 113 -18.04 -2.94 -24.92
N VAL C 114 -18.86 -2.15 -25.59
CA VAL C 114 -20.22 -1.86 -25.13
C VAL C 114 -21.23 -2.36 -26.15
N GLY C 115 -22.11 -3.26 -25.73
CA GLY C 115 -23.18 -3.71 -26.59
C GLY C 115 -24.45 -3.01 -26.20
N ASN C 116 -24.85 -2.01 -26.98
CA ASN C 116 -25.94 -1.11 -26.63
C ASN C 116 -27.24 -1.54 -27.30
N LYS C 117 -28.34 -0.92 -26.84
CA LYS C 117 -29.69 -1.25 -27.31
C LYS C 117 -30.15 -2.61 -26.79
N SER C 118 -29.71 -2.98 -25.59
CA SER C 118 -30.02 -4.29 -25.03
C SER C 118 -31.50 -4.46 -24.74
N ASP C 119 -32.27 -3.37 -24.75
CA ASP C 119 -33.70 -3.43 -24.54
C ASP C 119 -34.46 -3.87 -25.78
N LEU C 120 -33.81 -3.92 -26.94
CA LEU C 120 -34.51 -4.28 -28.17
C LEU C 120 -34.45 -5.80 -28.37
N PRO C 121 -35.58 -6.42 -28.72
CA PRO C 121 -35.59 -7.87 -28.86
C PRO C 121 -35.04 -8.41 -30.18
N SER C 122 -34.94 -7.61 -31.24
CA SER C 122 -34.47 -8.12 -32.53
C SER C 122 -32.95 -8.15 -32.53
N ARG C 123 -32.41 -9.02 -31.68
CA ARG C 123 -30.98 -9.17 -31.55
C ARG C 123 -30.41 -9.86 -32.78
N THR C 124 -29.23 -9.43 -33.18
CA THR C 124 -28.47 -10.09 -34.22
C THR C 124 -27.05 -10.43 -33.81
N VAL C 125 -26.58 -9.95 -32.65
CA VAL C 125 -25.23 -10.23 -32.14
C VAL C 125 -25.39 -10.91 -30.79
N ASP C 126 -24.81 -12.10 -30.64
CA ASP C 126 -24.88 -12.82 -29.39
C ASP C 126 -23.90 -12.26 -28.37
N THR C 127 -24.31 -12.28 -27.11
CA THR C 127 -23.42 -11.92 -26.03
C THR C 127 -22.14 -12.77 -26.05
N LYS C 128 -22.27 -14.06 -26.37
CA LYS C 128 -21.08 -14.90 -26.44
C LYS C 128 -20.11 -14.39 -27.49
N GLN C 129 -20.64 -13.94 -28.64
CA GLN C 129 -19.78 -13.39 -29.69
C GLN C 129 -19.03 -12.17 -29.18
N ALA C 130 -19.72 -11.28 -28.45
CA ALA C 130 -19.12 -10.05 -27.99
C ALA C 130 -18.12 -10.32 -26.87
N GLN C 131 -18.42 -11.26 -25.99
CA GLN C 131 -17.48 -11.65 -24.95
C GLN C 131 -16.23 -12.25 -25.55
N ASP C 132 -16.36 -13.08 -26.58
CA ASP C 132 -15.18 -13.63 -27.23
C ASP C 132 -14.34 -12.52 -27.84
N LEU C 133 -14.98 -11.55 -28.49
CA LEU C 133 -14.26 -10.44 -29.05
C LEU C 133 -13.57 -9.65 -27.97
N ALA C 134 -14.30 -9.33 -26.90
CA ALA C 134 -13.70 -8.62 -25.79
C ALA C 134 -12.50 -9.38 -25.22
N ARG C 135 -12.64 -10.69 -25.03
CA ARG C 135 -11.52 -11.49 -24.54
C ARG C 135 -10.30 -11.35 -25.44
N SER C 136 -10.51 -11.39 -26.76
CA SER C 136 -9.39 -11.34 -27.67
C SER C 136 -8.68 -10.00 -27.59
N TYR C 137 -9.40 -8.95 -27.17
CA TYR C 137 -8.85 -7.62 -27.04
C TYR C 137 -8.34 -7.35 -25.63
N GLY C 138 -8.60 -8.25 -24.68
CA GLY C 138 -8.19 -8.02 -23.30
C GLY C 138 -8.99 -6.99 -22.55
N ILE C 139 -10.26 -6.81 -22.89
CA ILE C 139 -11.07 -5.73 -22.34
C ILE C 139 -12.40 -6.31 -21.86
N PRO C 140 -13.07 -5.61 -20.96
CA PRO C 140 -14.40 -6.04 -20.52
C PRO C 140 -15.46 -5.78 -21.57
N PHE C 141 -16.55 -6.52 -21.45
CA PHE C 141 -17.74 -6.36 -22.26
C PHE C 141 -18.90 -6.02 -21.33
N ILE C 142 -19.59 -4.93 -21.63
CA ILE C 142 -20.71 -4.46 -20.84
C ILE C 142 -21.90 -4.27 -21.76
N GLU C 143 -23.03 -4.83 -21.36
CA GLU C 143 -24.28 -4.67 -22.07
C GLU C 143 -24.98 -3.42 -21.56
N THR C 144 -25.47 -2.60 -22.46
CA THR C 144 -26.12 -1.36 -22.08
C THR C 144 -27.43 -1.12 -22.81
N SER C 145 -28.24 -0.27 -22.19
CA SER C 145 -29.39 0.31 -22.86
C SER C 145 -29.41 1.78 -22.46
N ALA C 146 -29.17 2.67 -23.42
CA ALA C 146 -29.36 4.07 -23.14
C ALA C 146 -30.80 4.41 -22.82
N LYS C 147 -31.75 3.56 -23.22
CA LYS C 147 -33.16 3.84 -22.99
C LYS C 147 -33.60 3.51 -21.57
N THR C 148 -33.22 2.35 -21.05
CA THR C 148 -33.62 1.93 -19.72
C THR C 148 -32.56 2.24 -18.65
N ARG C 149 -31.39 2.73 -19.04
CA ARG C 149 -30.22 2.97 -18.20
C ARG C 149 -29.48 1.70 -17.84
N GLN C 150 -29.91 0.54 -18.30
CA GLN C 150 -29.20 -0.70 -18.02
C GLN C 150 -27.74 -0.57 -18.40
N GLY C 151 -26.86 -0.85 -17.44
CA GLY C 151 -25.43 -0.91 -17.69
C GLY C 151 -24.75 0.38 -18.07
N VAL C 152 -25.46 1.51 -18.11
CA VAL C 152 -24.83 2.74 -18.57
C VAL C 152 -23.75 3.18 -17.59
N ASP C 153 -24.12 3.33 -16.33
CA ASP C 153 -23.12 3.68 -15.31
C ASP C 153 -21.99 2.66 -15.29
N ASP C 154 -22.33 1.37 -15.31
CA ASP C 154 -21.31 0.32 -15.27
C ASP C 154 -20.31 0.49 -16.41
N ALA C 155 -20.80 0.82 -17.62
CA ALA C 155 -19.89 0.95 -18.76
C ALA C 155 -18.87 2.07 -18.53
N PHE C 156 -19.36 3.25 -18.15
CA PHE C 156 -18.46 4.38 -17.98
C PHE C 156 -17.61 4.24 -16.72
N TYR C 157 -18.19 3.75 -15.63
CA TYR C 157 -17.41 3.63 -14.40
C TYR C 157 -16.38 2.50 -14.52
N THR C 158 -16.71 1.42 -15.24
CA THR C 158 -15.73 0.39 -15.50
C THR C 158 -14.54 0.98 -16.27
N LEU C 159 -14.83 1.82 -17.27
CA LEU C 159 -13.74 2.46 -17.99
C LEU C 159 -12.92 3.34 -17.06
N VAL C 160 -13.58 4.11 -16.18
CA VAL C 160 -12.85 4.96 -15.25
C VAL C 160 -11.96 4.13 -14.34
N ARG C 161 -12.46 3.02 -13.82
CA ARG C 161 -11.66 2.19 -12.94
C ARG C 161 -10.45 1.64 -13.68
N GLU C 162 -10.62 1.29 -14.95
CA GLU C 162 -9.49 0.85 -15.77
C GLU C 162 -8.44 1.94 -15.86
N ILE C 163 -8.85 3.18 -16.15
CA ILE C 163 -7.91 4.30 -16.20
C ILE C 163 -7.26 4.50 -14.83
N ARG C 164 -8.07 4.46 -13.78
CA ARG C 164 -7.56 4.66 -12.43
C ARG C 164 -6.44 3.67 -12.11
N LYS C 165 -6.66 2.41 -12.45
CA LYS C 165 -5.63 1.40 -12.21
C LYS C 165 -4.44 1.60 -13.13
N HIS C 166 -4.71 1.91 -14.40
CA HIS C 166 -3.64 2.17 -15.36
C HIS C 166 -2.74 3.30 -14.90
N LYS C 167 -3.29 4.27 -14.16
CA LYS C 167 -2.51 5.39 -13.67
C LYS C 167 -1.73 4.99 -12.42
N MET D 1 -6.56 -28.06 -25.96
CA MET D 1 -6.80 -26.77 -25.24
C MET D 1 -5.78 -25.72 -25.65
N THR D 2 -6.14 -24.46 -25.49
CA THR D 2 -5.25 -23.36 -25.87
C THR D 2 -4.03 -23.31 -24.94
N GLU D 3 -2.90 -22.94 -25.53
CA GLU D 3 -1.63 -22.94 -24.82
C GLU D 3 -0.89 -21.65 -25.13
N TYR D 4 -0.14 -21.17 -24.14
CA TYR D 4 0.62 -19.92 -24.26
C TYR D 4 2.08 -20.17 -23.88
N LYS D 5 2.97 -19.57 -24.65
CA LYS D 5 4.42 -19.73 -24.48
C LYS D 5 5.00 -18.43 -23.96
N LEU D 6 5.42 -18.43 -22.71
CA LEU D 6 5.90 -17.24 -22.03
C LEU D 6 7.36 -17.41 -21.70
N VAL D 7 8.13 -16.34 -21.88
CA VAL D 7 9.55 -16.31 -21.53
C VAL D 7 9.76 -15.21 -20.52
N VAL D 8 10.40 -15.54 -19.41
CA VAL D 8 10.72 -14.59 -18.37
C VAL D 8 12.17 -14.21 -18.50
N VAL D 9 12.41 -12.93 -18.79
CA VAL D 9 13.76 -12.42 -18.97
C VAL D 9 13.99 -11.29 -17.99
N GLY D 10 15.27 -10.99 -17.78
CA GLY D 10 15.68 -9.95 -16.86
C GLY D 10 17.01 -10.28 -16.23
N ALA D 11 17.63 -9.27 -15.66
CA ALA D 11 18.94 -9.46 -15.05
C ALA D 11 18.92 -10.56 -14.00
N GLY D 12 20.07 -11.20 -13.84
CA GLY D 12 20.20 -12.17 -12.76
C GLY D 12 19.87 -11.53 -11.43
N GLY D 13 19.09 -12.23 -10.61
CA GLY D 13 18.76 -11.79 -9.28
C GLY D 13 17.50 -10.97 -9.12
N VAL D 14 16.75 -10.74 -10.19
CA VAL D 14 15.57 -9.89 -10.06
C VAL D 14 14.37 -10.63 -9.49
N GLY D 15 14.39 -11.95 -9.50
CA GLY D 15 13.30 -12.77 -9.03
C GLY D 15 12.54 -13.54 -10.08
N LYS D 16 13.13 -13.80 -11.24
CA LYS D 16 12.44 -14.57 -12.28
C LYS D 16 12.05 -15.95 -11.77
N SER D 17 13.00 -16.65 -11.15
CA SER D 17 12.70 -17.99 -10.64
C SER D 17 11.66 -17.93 -9.54
N ALA D 18 11.80 -16.98 -8.60
CA ALA D 18 10.87 -16.84 -7.50
C ALA D 18 9.47 -16.51 -8.01
N LEU D 19 9.36 -15.67 -9.04
CA LEU D 19 8.06 -15.35 -9.61
C LEU D 19 7.43 -16.58 -10.25
N THR D 20 8.22 -17.31 -11.04
CA THR D 20 7.69 -18.48 -11.74
C THR D 20 7.26 -19.53 -10.75
N ILE D 21 8.07 -19.78 -9.73
CA ILE D 21 7.75 -20.83 -8.78
C ILE D 21 6.56 -20.43 -7.92
N GLN D 22 6.43 -19.14 -7.61
CA GLN D 22 5.25 -18.68 -6.88
C GLN D 22 3.98 -18.91 -7.69
N LEU D 23 3.99 -18.49 -8.96
CA LEU D 23 2.82 -18.70 -9.81
C LEU D 23 2.44 -20.19 -9.86
N ILE D 24 3.45 -21.05 -10.02
CA ILE D 24 3.20 -22.46 -10.31
C ILE D 24 2.89 -23.24 -9.05
N GLN D 25 3.73 -23.10 -8.04
CA GLN D 25 3.65 -23.91 -6.85
C GLN D 25 3.08 -23.18 -5.65
N ASN D 26 2.85 -21.87 -5.74
CA ASN D 26 2.25 -21.05 -4.70
C ASN D 26 3.12 -20.95 -3.45
N HIS D 27 4.45 -20.93 -3.61
CA HIS D 27 5.34 -20.70 -2.49
C HIS D 27 6.55 -19.91 -2.95
N PHE D 28 7.15 -19.19 -1.99
CA PHE D 28 8.34 -18.39 -2.25
C PHE D 28 9.59 -19.20 -1.96
N VAL D 29 10.45 -19.37 -2.97
CA VAL D 29 11.75 -20.02 -2.79
C VAL D 29 12.82 -18.92 -2.71
N ASP D 30 13.47 -18.82 -1.56
CA ASP D 30 14.47 -17.78 -1.36
C ASP D 30 15.86 -18.19 -1.80
N GLU D 31 16.05 -19.43 -2.24
CA GLU D 31 17.33 -19.86 -2.81
C GLU D 31 17.03 -20.85 -3.93
N TYR D 32 17.12 -20.38 -5.17
CA TYR D 32 17.02 -21.22 -6.35
C TYR D 32 18.25 -20.95 -7.20
N ASP D 33 18.97 -22.00 -7.53
CA ASP D 33 20.20 -21.87 -8.29
C ASP D 33 20.02 -20.87 -9.43
N PRO D 34 20.76 -19.77 -9.43
CA PRO D 34 20.59 -18.77 -10.50
C PRO D 34 21.07 -19.26 -11.85
N THR D 35 21.81 -20.38 -11.93
CA THR D 35 22.32 -20.86 -13.22
C THR D 35 21.39 -21.86 -13.89
N ILE D 36 20.25 -22.20 -13.27
CA ILE D 36 19.32 -23.17 -13.84
C ILE D 36 18.32 -22.43 -14.72
N GLU D 37 18.32 -22.74 -16.01
CA GLU D 37 17.29 -22.32 -16.95
C GLU D 37 16.35 -23.51 -17.13
N ASP D 38 15.04 -23.27 -17.03
CA ASP D 38 14.12 -24.39 -17.09
C ASP D 38 12.72 -23.92 -17.44
N SER D 39 11.91 -24.87 -17.91
CA SER D 39 10.52 -24.68 -18.30
C SER D 39 9.59 -25.13 -17.21
N TYR D 40 8.45 -24.46 -17.12
CA TYR D 40 7.41 -24.76 -16.15
C TYR D 40 6.06 -24.76 -16.86
N ARG D 41 5.09 -25.44 -16.27
CA ARG D 41 3.79 -25.67 -16.90
C ARG D 41 2.69 -25.46 -15.87
N LYS D 42 1.59 -24.85 -16.33
CA LYS D 42 0.45 -24.59 -15.45
C LYS D 42 -0.81 -24.49 -16.28
N GLN D 43 -1.79 -25.33 -15.96
CA GLN D 43 -3.15 -25.13 -16.44
C GLN D 43 -3.80 -24.04 -15.61
N VAL D 44 -4.54 -23.15 -16.27
CA VAL D 44 -5.14 -22.01 -15.60
C VAL D 44 -6.35 -21.55 -16.40
N VAL D 45 -7.30 -20.95 -15.71
CA VAL D 45 -8.44 -20.28 -16.33
C VAL D 45 -8.18 -18.78 -16.25
N ILE D 46 -8.08 -18.15 -17.42
CA ILE D 46 -7.89 -16.70 -17.51
C ILE D 46 -9.08 -16.13 -18.25
N ASP D 47 -9.84 -15.25 -17.59
CA ASP D 47 -11.03 -14.67 -18.19
C ASP D 47 -11.96 -15.77 -18.71
N GLY D 48 -12.09 -16.84 -17.93
CA GLY D 48 -13.00 -17.92 -18.28
C GLY D 48 -12.40 -18.96 -19.20
N GLU D 49 -11.47 -18.54 -20.05
CA GLU D 49 -10.80 -19.47 -20.96
C GLU D 49 -9.84 -20.34 -20.18
N THR D 50 -10.03 -21.65 -20.24
CA THR D 50 -9.17 -22.61 -19.56
C THR D 50 -8.01 -22.92 -20.50
N CYS D 51 -6.80 -22.51 -20.13
CA CYS D 51 -5.64 -22.57 -21.01
C CYS D 51 -4.42 -23.13 -20.27
N LEU D 52 -3.33 -23.29 -21.01
CA LEU D 52 -2.12 -23.92 -20.49
C LEU D 52 -0.94 -23.00 -20.71
N LEU D 53 -0.21 -22.71 -19.65
CA LEU D 53 0.95 -21.82 -19.71
C LEU D 53 2.22 -22.62 -19.66
N ASP D 54 3.09 -22.44 -20.66
CA ASP D 54 4.44 -22.99 -20.69
C ASP D 54 5.38 -21.81 -20.51
N ILE D 55 6.25 -21.87 -19.50
CA ILE D 55 6.99 -20.71 -19.03
C ILE D 55 8.48 -21.06 -18.96
N LEU D 56 9.30 -20.31 -19.70
CA LEU D 56 10.74 -20.45 -19.63
C LEU D 56 11.29 -19.46 -18.60
N ASP D 57 11.89 -19.98 -17.55
CA ASP D 57 12.66 -19.20 -16.57
C ASP D 57 14.13 -19.23 -16.97
N THR D 58 14.72 -18.05 -17.16
CA THR D 58 15.99 -17.95 -17.85
C THR D 58 17.16 -17.73 -16.89
N ALA D 59 18.32 -18.28 -17.29
CA ALA D 59 19.58 -18.10 -16.57
C ALA D 59 20.56 -17.37 -17.48
N GLY D 60 21.40 -16.51 -16.88
CA GLY D 60 22.16 -15.57 -17.67
C GLY D 60 23.16 -16.17 -18.62
N GLN D 61 23.74 -17.30 -18.25
CA GLN D 61 24.77 -17.90 -19.07
C GLN D 61 24.23 -18.48 -20.36
N GLU D 62 22.91 -18.63 -20.49
CA GLU D 62 22.29 -19.12 -21.71
C GLU D 62 21.91 -18.01 -22.67
N GLU D 63 22.28 -16.76 -22.34
CA GLU D 63 21.79 -15.58 -23.08
C GLU D 63 21.91 -15.74 -24.58
N TYR D 64 23.07 -16.16 -25.07
CA TYR D 64 23.35 -16.17 -26.50
C TYR D 64 23.35 -17.58 -27.07
N SER D 65 22.81 -18.54 -26.33
CA SER D 65 22.78 -19.93 -26.76
C SER D 65 21.75 -20.12 -27.88
N ALA D 66 22.00 -21.15 -28.70
CA ALA D 66 21.04 -21.49 -29.74
C ALA D 66 19.73 -21.99 -29.14
N MET D 67 19.82 -22.73 -28.04
CA MET D 67 18.64 -23.21 -27.35
C MET D 67 17.78 -22.03 -26.92
N ARG D 68 18.39 -21.04 -26.28
CA ARG D 68 17.64 -19.85 -25.90
C ARG D 68 16.99 -19.23 -27.12
N ASP D 69 17.75 -19.12 -28.21
CA ASP D 69 17.22 -18.47 -29.41
C ASP D 69 15.97 -19.18 -29.90
N GLN D 70 15.94 -20.52 -29.81
CA GLN D 70 14.76 -21.26 -30.26
C GLN D 70 13.55 -20.96 -29.36
N TYR D 71 13.75 -20.94 -28.04
CA TYR D 71 12.64 -20.56 -27.15
C TYR D 71 12.23 -19.11 -27.34
N MET D 72 13.17 -18.20 -27.67
CA MET D 72 12.77 -16.83 -27.94
C MET D 72 11.91 -16.75 -29.19
N ARG D 73 12.26 -17.51 -30.24
CA ARG D 73 11.51 -17.44 -31.49
C ARG D 73 10.15 -18.10 -31.37
N THR D 74 10.05 -19.21 -30.61
CA THR D 74 8.77 -19.86 -30.46
C THR D 74 7.94 -19.22 -29.35
N GLY D 75 8.59 -18.52 -28.41
CA GLY D 75 7.85 -17.88 -27.35
C GLY D 75 6.92 -16.81 -27.89
N GLU D 76 5.75 -16.70 -27.25
CA GLU D 76 4.74 -15.77 -27.75
C GLU D 76 4.69 -14.48 -26.98
N GLY D 77 5.13 -14.48 -25.72
CA GLY D 77 5.13 -13.27 -24.92
C GLY D 77 6.27 -13.30 -23.95
N PHE D 78 6.64 -12.12 -23.48
CA PHE D 78 7.84 -11.97 -22.65
C PHE D 78 7.54 -11.13 -21.44
N LEU D 79 7.89 -11.66 -20.27
CA LEU D 79 7.83 -10.91 -19.02
C LEU D 79 9.23 -10.34 -18.82
N CYS D 80 9.34 -9.03 -18.89
CA CYS D 80 10.60 -8.33 -18.69
C CYS D 80 10.64 -7.83 -17.26
N VAL D 81 11.51 -8.45 -16.44
CA VAL D 81 11.47 -8.26 -14.99
C VAL D 81 12.70 -7.50 -14.53
N PHE D 82 12.48 -6.48 -13.72
CA PHE D 82 13.54 -5.84 -12.96
C PHE D 82 13.10 -5.85 -11.50
N ALA D 83 14.03 -5.47 -10.63
CA ALA D 83 13.75 -5.37 -9.21
C ALA D 83 13.70 -3.91 -8.82
N ILE D 84 12.73 -3.55 -7.97
CA ILE D 84 12.49 -2.15 -7.64
C ILE D 84 13.55 -1.58 -6.70
N ASN D 85 14.45 -2.41 -6.18
CA ASN D 85 15.59 -1.96 -5.39
C ASN D 85 16.90 -2.15 -6.15
N ASN D 86 16.85 -2.25 -7.46
CA ASN D 86 18.05 -2.47 -8.25
C ASN D 86 17.96 -1.64 -9.53
N THR D 87 18.60 -0.47 -9.51
CA THR D 87 18.54 0.45 -10.66
C THR D 87 19.10 -0.21 -11.92
N LYS D 88 20.23 -0.92 -11.80
CA LYS D 88 20.84 -1.52 -12.97
C LYS D 88 19.89 -2.49 -13.66
N SER D 89 19.17 -3.30 -12.89
CA SER D 89 18.22 -4.23 -13.49
C SER D 89 17.13 -3.50 -14.27
N PHE D 90 16.67 -2.36 -13.76
CA PHE D 90 15.70 -1.54 -14.49
C PHE D 90 16.31 -0.99 -15.76
N GLU D 91 17.55 -0.50 -15.68
CA GLU D 91 18.23 0.05 -16.85
C GLU D 91 18.69 -1.03 -17.81
N ASP D 92 18.69 -2.30 -17.40
CA ASP D 92 18.96 -3.39 -18.32
C ASP D 92 17.74 -3.74 -19.18
N ILE D 93 16.55 -3.29 -18.80
CA ILE D 93 15.33 -3.70 -19.49
C ILE D 93 15.46 -3.43 -20.99
N HIS D 94 16.01 -2.27 -21.34
CA HIS D 94 16.09 -1.92 -22.77
C HIS D 94 16.90 -2.97 -23.52
N HIS D 95 17.97 -3.48 -22.92
N HIS D 95 17.98 -3.47 -22.91
CA HIS D 95 18.77 -4.51 -23.58
CA HIS D 95 18.79 -4.51 -23.56
C HIS D 95 17.92 -5.72 -23.88
C HIS D 95 17.94 -5.74 -23.88
N TYR D 96 17.13 -6.18 -22.91
CA TYR D 96 16.25 -7.32 -23.13
C TYR D 96 15.19 -7.01 -24.17
N ARG D 97 14.56 -5.84 -24.08
CA ARG D 97 13.60 -5.44 -25.09
C ARG D 97 14.21 -5.47 -26.48
N GLU D 98 15.34 -4.79 -26.67
CA GLU D 98 15.98 -4.77 -27.98
C GLU D 98 16.28 -6.18 -28.47
N GLN D 99 16.78 -7.05 -27.57
CA GLN D 99 17.10 -8.41 -27.96
C GLN D 99 15.86 -9.15 -28.45
N ILE D 100 14.74 -8.98 -27.74
CA ILE D 100 13.50 -9.67 -28.12
C ILE D 100 13.01 -9.18 -29.47
N LYS D 101 12.97 -7.86 -29.66
CA LYS D 101 12.55 -7.33 -30.94
C LYS D 101 13.44 -7.86 -32.06
N ARG D 102 14.73 -8.04 -31.78
CA ARG D 102 15.68 -8.51 -32.78
C ARG D 102 15.40 -9.96 -33.14
N VAL D 103 15.13 -10.82 -32.15
CA VAL D 103 14.94 -12.24 -32.44
C VAL D 103 13.57 -12.48 -33.07
N LYS D 104 12.54 -11.79 -32.58
CA LYS D 104 11.19 -11.95 -33.12
C LYS D 104 11.00 -11.18 -34.42
N ASP D 105 11.99 -10.37 -34.82
CA ASP D 105 11.93 -9.59 -36.06
C ASP D 105 10.62 -8.81 -36.14
N SER D 106 10.30 -8.11 -35.06
CA SER D 106 9.05 -7.36 -34.98
C SER D 106 9.21 -6.22 -34.00
N GLU D 107 8.58 -5.09 -34.32
CA GLU D 107 8.48 -3.97 -33.38
C GLU D 107 7.31 -4.13 -32.42
N ASP D 108 6.44 -5.12 -32.65
CA ASP D 108 5.23 -5.32 -31.88
C ASP D 108 5.27 -6.75 -31.33
N VAL D 109 5.71 -6.89 -30.07
CA VAL D 109 5.85 -8.21 -29.47
C VAL D 109 5.14 -8.18 -28.12
N PRO D 110 4.31 -9.17 -27.80
CA PRO D 110 3.61 -9.14 -26.51
C PRO D 110 4.62 -9.13 -25.39
N MET D 111 4.53 -8.12 -24.53
CA MET D 111 5.44 -7.97 -23.42
C MET D 111 4.70 -7.30 -22.27
N VAL D 112 5.20 -7.57 -21.07
CA VAL D 112 4.78 -6.87 -19.86
C VAL D 112 6.03 -6.53 -19.08
N LEU D 113 6.09 -5.32 -18.55
CA LEU D 113 7.19 -4.87 -17.71
C LEU D 113 6.81 -5.18 -16.27
N VAL D 114 7.67 -5.93 -15.58
CA VAL D 114 7.40 -6.34 -14.20
C VAL D 114 8.46 -5.73 -13.28
N GLY D 115 8.00 -4.99 -12.28
CA GLY D 115 8.90 -4.54 -11.25
C GLY D 115 8.68 -5.37 -10.00
N ASN D 116 9.63 -6.26 -9.71
CA ASN D 116 9.50 -7.24 -8.63
C ASN D 116 10.20 -6.74 -7.36
N LYS D 117 9.95 -7.45 -6.27
CA LYS D 117 10.49 -7.16 -4.94
C LYS D 117 9.79 -5.96 -4.31
N SER D 118 8.50 -5.79 -4.63
CA SER D 118 7.75 -4.63 -4.15
C SER D 118 7.64 -4.58 -2.63
N ASP D 119 7.91 -5.69 -1.94
CA ASP D 119 7.84 -5.71 -0.50
C ASP D 119 9.09 -5.16 0.19
N LEU D 120 10.17 -4.92 -0.55
CA LEU D 120 11.42 -4.49 0.05
C LEU D 120 11.39 -2.99 0.32
N PRO D 121 11.88 -2.54 1.47
CA PRO D 121 11.71 -1.13 1.85
C PRO D 121 12.61 -0.14 1.14
N SER D 122 13.83 -0.56 0.79
CA SER D 122 14.84 0.35 0.25
C SER D 122 14.69 0.45 -1.28
N ARG D 123 13.56 1.01 -1.68
CA ARG D 123 13.26 1.19 -3.09
C ARG D 123 14.22 2.19 -3.72
N THR D 124 14.67 1.87 -4.93
CA THR D 124 15.48 2.77 -5.74
C THR D 124 14.86 3.07 -7.10
N VAL D 125 13.81 2.36 -7.51
CA VAL D 125 13.12 2.61 -8.77
C VAL D 125 11.66 2.92 -8.48
N ASP D 126 11.22 4.11 -8.90
CA ASP D 126 9.85 4.55 -8.64
C ASP D 126 8.91 3.96 -9.69
N THR D 127 7.68 3.68 -9.26
CA THR D 127 6.66 3.18 -10.17
C THR D 127 6.44 4.16 -11.31
N LYS D 128 6.50 5.47 -11.02
CA LYS D 128 6.33 6.47 -12.07
C LYS D 128 7.35 6.26 -13.18
N GLN D 129 8.60 5.94 -12.82
CA GLN D 129 9.64 5.78 -13.83
C GLN D 129 9.37 4.54 -14.66
N ALA D 130 8.94 3.44 -14.04
CA ALA D 130 8.64 2.23 -14.79
C ALA D 130 7.40 2.43 -15.64
N GLN D 131 6.43 3.19 -15.14
CA GLN D 131 5.25 3.48 -15.93
C GLN D 131 5.61 4.25 -17.18
N ASP D 132 6.50 5.25 -17.03
CA ASP D 132 6.95 6.02 -18.18
C ASP D 132 7.63 5.13 -19.20
N LEU D 133 8.54 4.26 -18.73
CA LEU D 133 9.19 3.33 -19.66
C LEU D 133 8.17 2.41 -20.31
N ALA D 134 7.27 1.84 -19.52
CA ALA D 134 6.27 0.94 -20.08
C ALA D 134 5.43 1.66 -21.11
N ARG D 135 5.09 2.92 -20.85
CA ARG D 135 4.28 3.68 -21.80
C ARG D 135 5.06 3.94 -23.07
N SER D 136 6.36 4.24 -22.95
CA SER D 136 7.19 4.42 -24.14
C SER D 136 7.20 3.15 -24.98
N TYR D 137 7.14 2.00 -24.33
CA TYR D 137 7.10 0.71 -25.01
C TYR D 137 5.70 0.32 -25.46
N GLY D 138 4.68 0.97 -24.92
CA GLY D 138 3.31 0.59 -25.24
C GLY D 138 2.90 -0.73 -24.62
N ILE D 139 3.44 -1.06 -23.45
CA ILE D 139 3.13 -2.33 -22.79
C ILE D 139 2.68 -2.05 -21.36
N PRO D 140 2.00 -3.02 -20.75
CA PRO D 140 1.60 -2.86 -19.35
C PRO D 140 2.81 -2.90 -18.42
N PHE D 141 2.66 -2.21 -17.28
CA PHE D 141 3.59 -2.33 -16.17
C PHE D 141 2.85 -2.90 -14.97
N ILE D 142 3.42 -3.94 -14.36
CA ILE D 142 2.83 -4.57 -13.18
C ILE D 142 3.92 -4.71 -12.13
N GLU D 143 3.60 -4.31 -10.91
CA GLU D 143 4.50 -4.43 -9.78
C GLU D 143 4.14 -5.70 -9.01
N THR D 144 5.18 -6.44 -8.63
CA THR D 144 4.98 -7.76 -8.04
C THR D 144 5.88 -7.93 -6.83
N SER D 145 5.51 -8.90 -5.98
CA SER D 145 6.39 -9.43 -4.96
C SER D 145 6.28 -10.94 -5.02
N ALA D 146 7.35 -11.60 -5.46
CA ALA D 146 7.39 -13.06 -5.39
C ALA D 146 7.32 -13.55 -3.95
N LYS D 147 7.79 -12.74 -3.00
CA LYS D 147 7.73 -13.15 -1.60
C LYS D 147 6.28 -13.27 -1.14
N THR D 148 5.47 -12.26 -1.41
CA THR D 148 4.12 -12.18 -0.87
C THR D 148 3.05 -12.60 -1.86
N ARG D 149 3.40 -12.78 -3.13
CA ARG D 149 2.52 -13.14 -4.24
C ARG D 149 1.74 -11.93 -4.77
N GLN D 150 1.90 -10.75 -4.17
CA GLN D 150 1.25 -9.55 -4.66
C GLN D 150 1.58 -9.38 -6.13
N GLY D 151 0.54 -9.34 -6.96
CA GLY D 151 0.68 -9.03 -8.37
C GLY D 151 1.15 -10.16 -9.26
N VAL D 152 1.48 -11.33 -8.70
CA VAL D 152 2.12 -12.36 -9.50
C VAL D 152 1.17 -12.90 -10.57
N ASP D 153 -0.04 -13.29 -10.17
CA ASP D 153 -1.01 -13.75 -11.15
C ASP D 153 -1.34 -12.66 -12.16
N ASP D 154 -1.46 -11.41 -11.69
CA ASP D 154 -1.77 -10.30 -12.60
C ASP D 154 -0.68 -10.17 -13.66
N ALA D 155 0.58 -10.29 -13.25
CA ALA D 155 1.67 -10.11 -14.21
C ALA D 155 1.62 -11.16 -15.31
N PHE D 156 1.49 -12.43 -14.95
CA PHE D 156 1.46 -13.47 -15.97
C PHE D 156 0.14 -13.43 -16.75
N TYR D 157 -0.98 -13.26 -16.05
CA TYR D 157 -2.27 -13.22 -16.73
C TYR D 157 -2.34 -12.03 -17.68
N THR D 158 -1.80 -10.88 -17.27
CA THR D 158 -1.76 -9.74 -18.19
C THR D 158 -0.94 -10.07 -19.42
N LEU D 159 0.15 -10.83 -19.26
CA LEU D 159 0.93 -11.21 -20.42
C LEU D 159 0.13 -12.11 -21.36
N VAL D 160 -0.60 -13.07 -20.81
CA VAL D 160 -1.49 -13.87 -21.64
C VAL D 160 -2.44 -12.97 -22.42
N ARG D 161 -3.02 -11.96 -21.78
CA ARG D 161 -3.95 -11.09 -22.49
C ARG D 161 -3.23 -10.34 -23.61
N GLU D 162 -1.99 -9.94 -23.37
CA GLU D 162 -1.23 -9.28 -24.43
C GLU D 162 -1.01 -10.21 -25.61
N ILE D 163 -0.81 -11.51 -25.33
CA ILE D 163 -0.66 -12.46 -26.42
C ILE D 163 -1.98 -12.59 -27.19
N ARG D 164 -3.09 -12.61 -26.45
CA ARG D 164 -4.39 -12.72 -27.11
C ARG D 164 -4.64 -11.55 -28.05
N LYS D 165 -4.27 -10.34 -27.64
CA LYS D 165 -4.55 -9.17 -28.45
C LYS D 165 -3.57 -8.99 -29.60
N HIS D 166 -2.54 -9.81 -29.69
CA HIS D 166 -1.62 -9.77 -30.84
C HIS D 166 -2.07 -10.79 -31.87
MG MG E . 14.11 -12.73 40.12
N12 A1AK8 F . 9.91 -16.60 23.28
C13 A1AK8 F . 9.80 -15.56 24.28
C15 A1AK8 F . 9.04 -14.78 26.42
C17 A1AK8 F . 10.23 -13.31 24.96
C04 A1AK8 F . 11.51 -20.16 25.58
C05 A1AK8 F . 10.72 -20.75 26.55
C06 A1AK8 F . 9.35 -20.51 26.55
C07 A1AK8 F . 8.79 -19.68 25.59
C08 A1AK8 F . 9.61 -19.10 24.63
C14 A1AK8 F . 9.14 -15.79 25.48
C16 A1AK8 F . 9.59 -13.54 26.16
C18 A1AK8 F . 10.34 -14.31 24.02
C19 A1AK8 F . 10.96 -19.35 24.62
O01 A1AK8 F . 13.60 -21.78 25.98
O03 A1AK8 F . 13.80 -19.95 24.24
O10 A1AK8 F . 8.92 -18.70 22.06
O11 A1AK8 F . 7.51 -17.78 23.60
S02 A1AK8 F . 13.29 -20.42 25.53
S09 A1AK8 F . 8.93 -18.01 23.35
H121 A1AK8 F . 10.48 -16.51 22.64
H151 A1AK8 F . 8.61 -14.94 27.22
H171 A1AK8 F . 10.58 -12.47 24.79
H051 A1AK8 F . 11.10 -21.30 27.20
H061 A1AK8 F . 8.81 -20.90 27.18
H071 A1AK8 F . 7.88 -19.52 25.59
H141 A1AK8 F . 8.77 -16.62 25.65
H161 A1AK8 F . 9.52 -12.87 26.79
H181 A1AK8 F . 10.79 -14.17 23.22
H191 A1AK8 F . 11.50 -18.95 23.97
PB GDP G . 13.66 -9.69 41.35
O1B GDP G . 13.24 -8.46 40.56
O2B GDP G . 13.19 -10.97 40.74
O3B GDP G . 15.12 -9.68 41.74
O3A GDP G . 12.84 -9.48 42.74
PA GDP G . 12.16 -10.65 43.65
O1A GDP G . 10.91 -11.09 43.00
O2A GDP G . 13.22 -11.68 44.02
O5' GDP G . 11.81 -9.79 44.95
C5' GDP G . 12.86 -9.38 45.81
C4' GDP G . 12.33 -9.23 47.22
O4' GDP G . 11.26 -8.24 47.19
C3' GDP G . 11.69 -10.49 47.80
O3' GDP G . 12.03 -10.55 49.18
C2' GDP G . 10.20 -10.35 47.60
O2' GDP G . 9.38 -10.93 48.59
C1' GDP G . 10.03 -8.83 47.68
N9 GDP G . 8.92 -8.29 46.92
C8 GDP G . 8.72 -8.43 45.60
N7 GDP G . 7.58 -7.78 45.25
C5 GDP G . 7.05 -7.25 46.36
C6 GDP G . 5.86 -6.47 46.69
O6 GDP G . 5.05 -6.11 45.82
N1 GDP G . 5.70 -6.16 47.99
C2 GDP G . 6.58 -6.51 48.95
N2 GDP G . 6.32 -6.13 50.22
N3 GDP G . 7.69 -7.23 48.71
C4 GDP G . 7.94 -7.61 47.46
H5' GDP G . 13.26 -8.42 45.47
H5'' GDP G . 13.67 -10.11 45.79
H4' GDP G . 13.19 -8.96 47.84
H3' GDP G . 12.05 -11.41 47.32
HO3' GDP G . 12.00 -11.47 49.48
H2' GDP G . 9.87 -10.88 46.69
HO2' GDP G . 9.93 -11.28 49.30
H1' GDP G . 9.82 -8.59 48.72
H8 GDP G . 9.35 -8.97 44.92
HN1 GDP G . 4.86 -5.61 48.27
HN21 GDP G . 5.50 -5.60 50.42
HN22 GDP G . 6.95 -6.39 50.95
MG MG H . -3.15 20.33 0.88
N12 A1AK8 I . 7.83 26.59 13.65
C13 A1AK8 I . 7.33 25.37 13.04
C15 A1AK8 I . 7.75 23.34 11.82
C17 A1AK8 I . 5.53 23.89 12.51
C04 A1AK8 I . 5.44 29.70 11.44
C05 A1AK8 I . 4.08 29.78 11.69
C06 A1AK8 I . 3.54 29.21 12.82
C07 A1AK8 I . 4.35 28.54 13.72
C08 A1AK8 I . 5.71 28.46 13.46
C14 A1AK8 I . 8.22 24.51 12.39
C16 A1AK8 I . 6.41 23.03 11.89
C18 A1AK8 I . 5.98 25.06 13.08
C19 A1AK8 I . 6.25 29.04 12.33
O01 A1AK8 I . 5.44 31.70 9.64
O03 A1AK8 I . 7.63 30.45 10.07
O10 A1AK8 I . 7.59 28.53 15.39
O11 A1AK8 I . 6.05 26.81 15.59
S02 A1AK8 I . 6.17 30.44 9.95
S09 A1AK8 I . 6.81 27.59 14.59
H121 A1AK8 I . 8.66 26.81 13.52
H151 A1AK8 I . 8.35 22.76 11.40
H171 A1AK8 I . 4.62 23.68 12.55
H051 A1AK8 I . 3.54 30.23 11.08
H061 A1AK8 I . 2.62 29.28 12.99
H071 A1AK8 I . 3.99 28.16 14.48
H141 A1AK8 I . 9.11 24.73 12.35
H161 A1AK8 I . 6.09 22.24 11.50
H181 A1AK8 I . 5.38 25.64 13.51
H191 A1AK8 I . 7.16 28.99 12.18
PB GDP J . -3.41 17.08 0.25
O1B GDP J . -2.52 16.00 0.86
O2B GDP J . -3.53 18.33 1.08
O3B GDP J . -3.12 17.36 -1.20
O3A GDP J . -4.84 16.35 0.25
PA GDP J . -6.30 17.00 0.51
O1A GDP J . -6.48 17.19 1.99
O2A GDP J . -6.47 18.22 -0.40
O5' GDP J . -7.24 15.81 0.00
C5' GDP J . -7.21 15.45 -1.37
C4' GDP J . -8.51 14.80 -1.78
O4' GDP J . -8.74 13.61 -0.98
C3' GDP J . -9.71 15.71 -1.51
O3' GDP J . -10.66 15.57 -2.56
C2' GDP J . -10.34 15.22 -0.22
O2' GDP J . -11.73 15.35 -0.24
C1' GDP J . -9.94 13.75 -0.21
N9 GDP J . -9.66 13.14 1.08
C8 GDP J . -8.74 13.55 1.97
N7 GDP J . -8.75 12.75 3.07
C5 GDP J . -9.71 11.81 2.86
C6 GDP J . -10.28 10.66 3.60
O6 GDP J . -9.83 10.35 4.72
N1 GDP J . -11.26 9.96 3.01
C2 GDP J . -11.75 10.29 1.80
N2 GDP J . -12.74 9.55 1.23
N3 GDP J . -11.29 11.31 1.07
C4 GDP J . -10.30 12.09 1.56
H5' GDP J . -6.39 14.75 -1.54
H5'' GDP J . -7.04 16.34 -1.98
H4' GDP J . -8.42 14.58 -2.84
H3' GDP J . -9.40 16.76 -1.47
HO3' GDP J . -11.18 16.38 -2.62
H2' GDP J . -10.01 15.79 0.66
H1' GDP J . -10.84 13.25 -0.62
H8 GDP J . -8.07 14.39 1.84
HN21 GDP J . -13.13 8.77 1.70
HN22 GDP J . -13.08 9.81 0.31
MG MG K . -24.24 10.97 -32.02
N12 A1AK8 L . -9.82 16.58 -23.38
C13 A1AK8 L . -10.58 15.38 -23.66
C15 A1AK8 L . -12.63 14.14 -23.53
C17 A1AK8 L . -10.73 13.21 -24.66
C04 A1AK8 L . -12.39 20.00 -24.83
C05 A1AK8 L . -13.58 20.26 -24.20
C06 A1AK8 L . -13.81 19.74 -22.94
C07 A1AK8 L . -12.84 18.97 -22.33
C08 A1AK8 L . -11.65 18.73 -22.98
C14 A1AK8 L . -11.89 15.27 -23.25
C16 A1AK8 L . -12.04 13.12 -24.23
C18 A1AK8 L . -10.00 14.36 -24.39
C19 A1AK8 L . -11.41 19.25 -24.23
O01 A1AK8 L . -12.71 21.95 -26.64
O03 A1AK8 L . -10.62 20.50 -26.76
O10 A1AK8 L . -9.23 18.59 -21.80
O11 A1AK8 L . -10.84 17.16 -20.98
S02 A1AK8 L . -12.04 20.64 -26.47
S09 A1AK8 L . -10.34 17.74 -22.22
H121 A1AK8 L . -9.07 16.71 -23.81
H151 A1AK8 L . -13.50 14.07 -23.23
H171 A1AK8 L . -10.33 12.52 -25.12
H051 A1AK8 L . -14.24 20.77 -24.62
H061 A1AK8 L . -14.61 19.92 -22.50
H071 A1AK8 L . -12.99 18.62 -21.48
H141 A1AK8 L . -12.28 15.97 -22.77
H161 A1AK8 L . -12.53 12.34 -24.43
H181 A1AK8 L . -9.12 14.45 -24.70
H191 A1AK8 L . -10.61 19.08 -24.66
PB GDP M . -24.91 7.73 -32.40
O1B GDP M . -24.00 6.58 -32.01
O2B GDP M . -24.66 8.97 -31.59
O3B GDP M . -25.03 7.95 -33.87
O3A GDP M . -26.34 7.13 -31.96
PA GDP M . -27.58 7.97 -31.32
O1A GDP M . -27.33 8.18 -29.89
O2A GDP M . -27.93 9.14 -32.25
O5' GDP M . -28.74 6.85 -31.44
C5' GDP M . -29.30 6.57 -32.71
C4' GDP M . -30.71 6.04 -32.57
O4' GDP M . -30.66 4.86 -31.72
C3' GDP M . -31.66 6.99 -31.89
O3' GDP M . -32.91 6.92 -32.59
C2' GDP M . -31.85 6.54 -30.46
O2' GDP M . -33.14 6.68 -29.94
C1' GDP M . -31.54 5.05 -30.59
N9 GDP M . -30.89 4.47 -29.42
C8 GDP M . -29.70 4.79 -28.87
N7 GDP M . -29.48 3.99 -27.81
C5 GDP M . -30.53 3.16 -27.66
C6 GDP M . -30.95 2.09 -26.73
O6 GDP M . -30.22 1.71 -25.79
N1 GDP M . -32.13 1.53 -26.98
C2 GDP M . -32.92 1.88 -27.99
N2 GDP M . -34.10 1.25 -28.20
N3 GDP M . -32.60 2.84 -28.88
C4 GDP M . -31.45 3.49 -28.73
H5' GDP M . -28.68 5.83 -33.23
H5'' GDP M . -29.31 7.48 -33.32
H4' GDP M . -31.07 5.84 -33.58
H3' GDP M . -31.30 8.03 -31.90
HO3' GDP M . -33.35 7.77 -32.54
H2' GDP M . -31.23 7.13 -29.76
HO2' GDP M . -33.66 7.24 -30.52
H1' GDP M . -32.50 4.54 -30.71
H8 GDP M . -29.04 5.56 -29.23
HN21 GDP M . -34.39 0.52 -27.58
HN22 GDP M . -34.68 1.53 -28.96
MG MG N . 16.69 -17.99 -11.69
N12 A1AK8 O . 7.97 -23.84 -26.24
C13 A1AK8 O . 8.21 -22.67 -25.42
C15 A1AK8 O . 9.09 -20.44 -25.21
C17 A1AK8 O . 8.04 -21.52 -23.34
C04 A1AK8 O . 10.41 -26.97 -23.96
C05 A1AK8 O . 9.97 -27.36 -22.72
C06 A1AK8 O . 8.65 -27.10 -22.35
C07 A1AK8 O . 7.80 -26.46 -23.22
C08 A1AK8 O . 8.25 -26.07 -24.47
C14 A1AK8 O . 8.85 -21.57 -25.98
C16 A1AK8 O . 8.68 -20.42 -23.88
C18 A1AK8 O . 7.81 -22.65 -24.11
C19 A1AK8 O . 9.56 -26.33 -24.85
O01 A1AK8 O . 12.55 -28.60 -23.97
O03 A1AK8 O . 12.27 -26.98 -25.92
O10 A1AK8 O . 6.73 -26.10 -26.73
O11 A1AK8 O . 5.87 -24.85 -24.99
S02 A1AK8 O . 12.13 -27.29 -24.48
S09 A1AK8 O . 7.14 -25.23 -25.63
H121 A1AK8 O . 8.26 -23.86 -27.06
H151 A1AK8 O . 9.51 -19.70 -25.57
H171 A1AK8 O . 7.77 -21.50 -22.45
H051 A1AK8 O . 10.55 -27.79 -22.14
H061 A1AK8 O . 8.35 -27.37 -21.50
H071 A1AK8 O . 6.92 -26.30 -22.98
H141 A1AK8 O . 9.14 -21.59 -26.86
H161 A1AK8 O . 8.84 -19.67 -23.36
H181 A1AK8 O . 7.38 -23.38 -23.73
H191 A1AK8 O . 9.86 -26.09 -25.69
PB GDP P . 16.56 -14.80 -10.74
O1B GDP P . 15.93 -13.67 -11.53
O2B GDP P . 15.95 -16.15 -10.98
O3B GDP P . 18.06 -14.82 -10.73
O3A GDP P . 16.16 -14.39 -9.23
PA GDP P . 15.71 -15.37 -8.02
O1A GDP P . 14.30 -15.78 -8.20
O2A GDP P . 16.80 -16.44 -7.84
O5' GDP P . 15.79 -14.35 -6.77
C5' GDP P . 17.04 -13.75 -6.44
C4' GDP P . 17.05 -13.34 -4.98
O4' GDP P . 16.03 -12.33 -4.78
C3' GDP P . 16.73 -14.49 -4.05
O3' GDP P . 17.53 -14.44 -2.88
C2' GDP P . 15.26 -14.33 -3.69
O2' GDP P . 15.03 -14.72 -2.35
C1' GDP P . 15.06 -12.83 -3.84
N9 GDP P . 13.74 -12.44 -4.33
C8 GDP P . 13.15 -12.81 -5.48
N7 GDP P . 11.92 -12.23 -5.57
C5 GDP P . 11.74 -11.50 -4.45
C6 GDP P . 10.67 -10.65 -3.91
O6 GDP P . 9.62 -10.45 -4.53
N1 GDP P . 10.88 -10.05 -2.72
C2 GDP P . 12.03 -10.27 -2.01
N2 GDP P . 12.20 -9.64 -0.83
N3 GDP P . 13.05 -11.03 -2.45
C4 GDP P . 12.94 -11.66 -3.64
H5' GDP P . 17.21 -12.87 -7.07
H5'' GDP P . 17.85 -14.46 -6.62
H4' GDP P . 18.07 -12.96 -4.76
H3' GDP P . 16.94 -15.46 -4.55
HO3' GDP P . 17.70 -15.34 -2.57
H2' GDP P . 14.59 -14.97 -4.28
HO2' GDP P . 15.60 -15.46 -2.12
H1' GDP P . 15.17 -12.43 -2.83
H8 GDP P . 13.58 -13.46 -6.22
HN1 GDP P . 10.15 -9.42 -2.33
HN21 GDP P . 11.47 -9.06 -0.46
HN22 GDP P . 13.04 -9.78 -0.30
#